data_6VWI
#
_entry.id   6VWI
#
_cell.length_a   1.00
_cell.length_b   1.00
_cell.length_c   1.00
_cell.angle_alpha   90.00
_cell.angle_beta   90.00
_cell.angle_gamma   90.00
#
_symmetry.space_group_name_H-M   'P 1'
#
loop_
_entity.id
_entity.type
_entity.pdbx_description
1 polymer 'Leucine-zippered human type 1 insulin-like growth factor receptor ectodomain'
2 polymer 'Insulin-like growth factor II'
3 non-polymer 2-acetamido-2-deoxy-beta-D-glucopyranose
#
loop_
_entity_poly.entity_id
_entity_poly.type
_entity_poly.pdbx_seq_one_letter_code
_entity_poly.pdbx_strand_id
1 'polypeptide(L)'
;EICGPGIDIRNDYQQLKRLENCTVIEGYLHILLISKAEDYRSYRFPKLTVITEYLLLFRVAGLESLGDLFPNLTVIRGWK
LFYNYALVIFEMTNLKDIGLYNLRNITRGAIRIEKNADLCYLSTVDWSLILDAVSNNYIVGNKPPKECGDLCPGTMEEKP
MCEKTTINNEYNYRCWTTNRCQKMCPSTCGKRACTENNECCHPECLGSCSAPDNDTACVACRHYYYAGVCVPACPPNTYR
FEGWRCVDRDFCANILSAESSDSEGFVIHDGECMQECPSGFIRNGSQSMYCIPCEGPCPKVCEEEKKTKTIDSVTSAQML
QGCTIFKGNLLINIRRGNNIASELENFMGLIEVVTGYVKIRHSHALVSLSFLKNLRLILGEEQLEGNYSFYVLDNQNLQQ
LWDWDHRNLTIKAGKMYFAFNPKLCVSEIYRMEEVTGTKGRQSKGDINTRNNGERASCESDVLHFTSTTTSKNRIIITWH
RYRPPDYRDLISFTVYYKEAPFKNVTEYDGQDACGSNSWNMVDVDLPPNKDVEPGILLHGLKPWTQYAVYVKAVTLTMVE
NDHIRGAKSEILYIRTNASVPSIPLDVLSASNSSSQLIVKWNPPSLPNGNLSYYIVRWQRQPQDGYLYRHNYCSKDKIPI
RKYADGTIDIEEVTENPKTEVCGGEKGPCCACPKTEAEKQAEKEEAEYRKVFENFLHNSIFVPRPERKRRDVMQVANTTM
SSRSRNTTAADTYNITDPEELETEYPFFESRVDNKERTVISNLRPFTLYRIDIHSCNHEAEKLGCSASNFVFARTMPAEG
ADDIPGPVTWEPRPENSIFLKWPEPENPNGLILMYEIKYGSQVEDQRECVSRQEYRKYGGAKLNRLNPGNYTARIQATSL
SGNGSWTDPVFFYVQAKTGYENFIHRMKQLEDKVEELLSKNYHLENEVARLKKLVGERSSSEQKLISEEDLN
;
A,B
2 'polypeptide(L)' AYRPSETLCGGELVDTLQFVCGDRGFYFSRPASRVSRRSRGIVEECCFRSCDLALLETYCATPAKSE I
#
# COMPACT_ATOMS: atom_id res chain seq x y z
N GLU A 1 -29.68 -27.07 -8.57
CA GLU A 1 -30.26 -26.03 -7.68
C GLU A 1 -29.50 -24.74 -7.89
N ILE A 2 -30.19 -23.61 -7.79
CA ILE A 2 -29.58 -22.30 -7.91
C ILE A 2 -29.48 -21.71 -6.51
N CYS A 3 -28.41 -22.07 -5.82
CA CYS A 3 -28.28 -21.75 -4.40
C CYS A 3 -28.02 -20.26 -4.20
N GLY A 4 -28.09 -19.85 -2.94
CA GLY A 4 -27.88 -18.48 -2.56
C GLY A 4 -28.54 -18.20 -1.23
N PRO A 5 -28.58 -16.92 -0.82
CA PRO A 5 -27.99 -15.72 -1.42
C PRO A 5 -26.47 -15.63 -1.36
N GLY A 6 -25.83 -16.60 -0.72
CA GLY A 6 -24.38 -16.62 -0.63
C GLY A 6 -23.90 -17.58 0.43
N ILE A 7 -22.79 -18.26 0.16
CA ILE A 7 -22.35 -19.39 0.96
C ILE A 7 -21.07 -19.04 1.71
N ASP A 8 -21.14 -19.08 3.03
CA ASP A 8 -19.99 -18.92 3.91
C ASP A 8 -19.83 -20.24 4.64
N ILE A 9 -18.71 -20.92 4.40
CA ILE A 9 -18.46 -22.23 4.99
C ILE A 9 -17.21 -22.18 5.85
N ARG A 10 -17.36 -22.59 7.11
CA ARG A 10 -16.26 -22.52 8.06
C ARG A 10 -16.42 -23.60 9.12
N ASN A 11 -15.39 -23.73 9.95
CA ASN A 11 -15.27 -24.72 11.01
C ASN A 11 -14.96 -26.16 10.58
N ASP A 12 -15.79 -26.78 9.74
CA ASP A 12 -15.54 -28.19 9.45
C ASP A 12 -16.03 -28.61 8.07
N TYR A 13 -15.31 -29.58 7.50
CA TYR A 13 -15.68 -30.20 6.24
C TYR A 13 -17.08 -30.79 6.28
N GLN A 14 -17.55 -31.24 7.44
CA GLN A 14 -18.88 -31.83 7.52
C GLN A 14 -20.01 -30.86 7.23
N GLN A 15 -19.78 -29.56 7.41
CA GLN A 15 -20.75 -28.56 6.98
C GLN A 15 -20.75 -28.40 5.47
N LEU A 16 -19.63 -28.74 4.81
CA LEU A 16 -19.48 -28.58 3.37
C LEU A 16 -20.49 -29.37 2.57
N LYS A 17 -21.12 -30.38 3.16
CA LYS A 17 -22.15 -31.13 2.46
C LYS A 17 -23.33 -30.27 2.01
N ARG A 18 -23.47 -29.06 2.54
CA ARG A 18 -24.45 -28.13 2.01
C ARG A 18 -24.33 -27.87 0.51
N LEU A 19 -23.15 -28.09 -0.07
CA LEU A 19 -22.94 -27.93 -1.51
C LEU A 19 -23.41 -29.11 -2.35
N GLU A 20 -23.87 -30.21 -1.76
CA GLU A 20 -24.05 -31.41 -2.55
C GLU A 20 -25.08 -31.25 -3.66
N ASN A 21 -25.96 -30.25 -3.57
CA ASN A 21 -27.00 -30.06 -4.58
C ASN A 21 -26.82 -28.81 -5.43
N CYS A 22 -25.92 -27.91 -5.08
CA CYS A 22 -25.80 -26.67 -5.84
C CYS A 22 -25.11 -26.92 -7.16
N THR A 23 -25.55 -26.19 -8.19
CA THR A 23 -24.87 -26.23 -9.49
C THR A 23 -24.52 -24.83 -9.97
N VAL A 24 -25.29 -23.83 -9.58
CA VAL A 24 -24.89 -22.44 -9.65
C VAL A 24 -25.09 -21.79 -8.30
N ILE A 25 -24.15 -20.93 -7.93
CA ILE A 25 -24.25 -20.14 -6.72
C ILE A 25 -24.46 -18.67 -7.08
N GLU A 26 -25.64 -18.14 -6.77
CA GLU A 26 -25.87 -16.72 -6.96
C GLU A 26 -25.23 -15.93 -5.83
N GLY A 27 -23.96 -16.17 -5.55
CA GLY A 27 -23.30 -15.44 -4.50
C GLY A 27 -21.86 -15.86 -4.34
N TYR A 28 -21.16 -15.16 -3.46
CA TYR A 28 -19.81 -15.57 -3.09
C TYR A 28 -19.81 -17.01 -2.60
N LEU A 29 -18.62 -17.60 -2.62
CA LEU A 29 -18.32 -18.80 -1.86
C LEU A 29 -17.10 -18.56 -0.97
N HIS A 30 -17.25 -18.82 0.33
CA HIS A 30 -16.14 -18.84 1.26
C HIS A 30 -15.88 -20.28 1.70
N ILE A 31 -14.61 -20.67 1.75
CA ILE A 31 -14.21 -21.87 2.46
C ILE A 31 -13.10 -21.51 3.44
N LEU A 32 -13.39 -21.62 4.73
CA LEU A 32 -12.61 -20.96 5.77
C LEU A 32 -12.25 -21.91 6.89
N LEU A 33 -11.03 -21.77 7.39
CA LEU A 33 -10.68 -22.18 8.75
C LEU A 33 -11.00 -23.64 9.04
N ILE A 34 -10.91 -24.51 8.03
CA ILE A 34 -11.25 -25.90 8.19
C ILE A 34 -10.11 -26.64 8.88
N SER A 35 -9.85 -26.27 10.13
CA SER A 35 -8.59 -26.61 10.79
C SER A 35 -8.42 -28.11 11.04
N LYS A 36 -9.52 -28.87 11.08
CA LYS A 36 -9.38 -30.30 11.31
C LYS A 36 -8.48 -30.96 10.26
N ALA A 37 -8.48 -30.43 9.05
CA ALA A 37 -7.61 -30.91 7.97
C ALA A 37 -7.80 -32.37 7.60
N GLU A 38 -8.80 -33.07 8.17
CA GLU A 38 -8.80 -34.53 8.16
C GLU A 38 -9.66 -35.14 7.06
N ASP A 39 -10.91 -34.70 6.91
CA ASP A 39 -11.85 -35.45 6.07
C ASP A 39 -11.40 -35.47 4.62
N TYR A 40 -10.81 -34.38 4.14
CA TYR A 40 -10.11 -34.30 2.86
C TYR A 40 -10.92 -34.92 1.70
N ARG A 41 -10.50 -36.08 1.19
CA ARG A 41 -11.06 -36.66 -0.04
C ARG A 41 -12.37 -37.41 0.16
N SER A 42 -13.06 -37.22 1.27
CA SER A 42 -14.44 -37.70 1.42
C SER A 42 -15.46 -36.91 0.62
N TYR A 43 -15.11 -35.74 0.09
CA TYR A 43 -16.09 -34.84 -0.52
C TYR A 43 -15.77 -34.52 -1.98
N ARG A 44 -16.85 -34.34 -2.75
CA ARG A 44 -16.84 -34.03 -4.17
C ARG A 44 -18.08 -33.19 -4.47
N PHE A 45 -17.98 -32.31 -5.47
CA PHE A 45 -19.10 -31.45 -5.86
C PHE A 45 -19.17 -31.20 -7.36
N PRO A 46 -19.29 -32.26 -8.16
CA PRO A 46 -19.26 -32.08 -9.62
C PRO A 46 -20.43 -31.27 -10.16
N LYS A 47 -21.52 -31.14 -9.41
CA LYS A 47 -22.66 -30.33 -9.84
C LYS A 47 -22.26 -28.88 -10.10
N LEU A 48 -21.28 -28.35 -9.36
CA LEU A 48 -20.99 -26.94 -9.42
C LEU A 48 -20.25 -26.58 -10.70
N THR A 49 -20.71 -25.53 -11.37
CA THR A 49 -20.14 -25.11 -12.65
C THR A 49 -19.92 -23.62 -12.79
N VAL A 50 -20.73 -22.76 -12.18
CA VAL A 50 -20.51 -21.32 -12.24
C VAL A 50 -20.69 -20.72 -10.87
N ILE A 51 -19.77 -19.82 -10.51
CA ILE A 51 -19.89 -18.99 -9.33
C ILE A 51 -20.03 -17.53 -9.78
N THR A 52 -21.16 -16.91 -9.44
CA THR A 52 -21.41 -15.58 -9.96
C THR A 52 -20.63 -14.51 -9.23
N GLU A 53 -19.89 -14.86 -8.18
CA GLU A 53 -19.09 -13.90 -7.43
C GLU A 53 -17.73 -14.53 -7.12
N TYR A 54 -16.99 -13.87 -6.25
CA TYR A 54 -15.64 -14.30 -5.93
C TYR A 54 -15.63 -15.63 -5.18
N LEU A 55 -14.48 -16.28 -5.21
CA LEU A 55 -14.19 -17.46 -4.41
C LEU A 55 -13.04 -17.20 -3.47
N LEU A 56 -13.24 -17.42 -2.17
CA LEU A 56 -12.22 -17.20 -1.16
C LEU A 56 -11.94 -18.52 -0.45
N LEU A 57 -10.68 -18.94 -0.44
CA LEU A 57 -10.20 -20.04 0.39
C LEU A 57 -9.14 -19.54 1.37
N PHE A 58 -9.31 -19.85 2.65
CA PHE A 58 -8.40 -19.35 3.66
C PHE A 58 -8.09 -20.44 4.69
N ARG A 59 -6.80 -20.70 4.88
CA ARG A 59 -6.26 -21.70 5.80
C ARG A 59 -6.95 -23.07 5.81
N VAL A 60 -7.35 -23.56 4.65
CA VAL A 60 -8.00 -24.87 4.58
C VAL A 60 -6.94 -25.95 4.75
N ALA A 61 -6.51 -26.17 5.98
CA ALA A 61 -5.19 -26.75 6.23
C ALA A 61 -5.05 -28.18 5.73
N GLY A 62 -6.13 -28.87 5.43
CA GLY A 62 -6.02 -30.26 5.03
C GLY A 62 -5.84 -30.56 3.56
N LEU A 63 -5.98 -29.59 2.66
CA LEU A 63 -6.40 -29.88 1.30
C LEU A 63 -5.22 -29.82 0.35
N GLU A 64 -5.07 -30.87 -0.46
CA GLU A 64 -3.96 -30.94 -1.41
C GLU A 64 -4.24 -30.13 -2.67
N SER A 65 -5.46 -30.21 -3.19
CA SER A 65 -5.74 -29.68 -4.52
C SER A 65 -7.25 -29.48 -4.68
N LEU A 66 -7.62 -28.32 -5.23
CA LEU A 66 -9.02 -28.00 -5.46
C LEU A 66 -9.65 -28.84 -6.58
N GLY A 67 -8.83 -29.42 -7.47
CA GLY A 67 -9.37 -30.31 -8.47
C GLY A 67 -9.99 -31.55 -7.87
N ASP A 68 -9.71 -31.84 -6.61
CA ASP A 68 -10.49 -32.85 -5.89
C ASP A 68 -11.89 -32.33 -5.58
N LEU A 69 -12.06 -31.03 -5.35
CA LEU A 69 -13.38 -30.48 -5.04
C LEU A 69 -14.17 -30.11 -6.29
N PHE A 70 -13.63 -29.23 -7.12
CA PHE A 70 -14.43 -28.49 -8.10
C PHE A 70 -13.91 -28.75 -9.51
N PRO A 71 -14.02 -29.99 -9.99
CA PRO A 71 -13.33 -30.34 -11.23
C PRO A 71 -13.84 -29.55 -12.42
N ASN A 72 -15.12 -29.17 -12.39
CA ASN A 72 -15.81 -28.57 -13.52
C ASN A 72 -16.00 -27.07 -13.38
N LEU A 73 -15.51 -26.46 -12.31
CA LEU A 73 -15.81 -25.06 -12.06
C LEU A 73 -15.33 -24.23 -13.24
N THR A 74 -16.28 -23.75 -14.03
CA THR A 74 -15.99 -23.28 -15.38
C THR A 74 -15.99 -21.76 -15.52
N VAL A 75 -16.81 -21.03 -14.77
CA VAL A 75 -16.77 -19.58 -14.84
C VAL A 75 -16.97 -18.97 -13.46
N ILE A 76 -16.18 -17.95 -13.18
CA ILE A 76 -16.32 -17.14 -11.97
C ILE A 76 -16.65 -15.72 -12.40
N ARG A 77 -17.93 -15.37 -12.47
CA ARG A 77 -18.32 -14.18 -13.22
C ARG A 77 -17.82 -12.91 -12.54
N GLY A 78 -17.65 -12.94 -11.22
CA GLY A 78 -17.13 -11.80 -10.51
C GLY A 78 -18.05 -10.59 -10.42
N TRP A 79 -19.37 -10.80 -10.37
CA TRP A 79 -20.28 -9.67 -10.32
C TRP A 79 -20.19 -8.91 -9.01
N LYS A 80 -19.73 -9.55 -7.95
CA LYS A 80 -19.11 -8.89 -6.82
C LYS A 80 -17.64 -9.28 -6.75
N LEU A 81 -16.85 -8.42 -6.12
CA LEU A 81 -15.43 -8.68 -5.99
C LEU A 81 -15.00 -8.52 -4.55
N PHE A 82 -13.82 -9.08 -4.27
CA PHE A 82 -13.18 -9.02 -2.97
C PHE A 82 -11.87 -8.25 -3.14
N TYR A 83 -11.91 -6.96 -2.87
CA TYR A 83 -10.74 -6.09 -3.02
C TYR A 83 -10.13 -6.21 -4.41
N ASN A 84 -10.94 -5.89 -5.42
CA ASN A 84 -10.62 -6.10 -6.83
C ASN A 84 -10.53 -7.56 -7.26
N TYR A 85 -10.24 -8.47 -6.33
CA TYR A 85 -10.04 -9.86 -6.71
C TYR A 85 -11.34 -10.62 -6.78
N ALA A 86 -11.44 -11.45 -7.83
CA ALA A 86 -12.51 -12.42 -7.97
C ALA A 86 -12.14 -13.81 -7.46
N LEU A 87 -10.86 -14.12 -7.36
CA LEU A 87 -10.41 -15.35 -6.75
C LEU A 87 -9.27 -15.04 -5.79
N VAL A 88 -9.35 -15.61 -4.60
CA VAL A 88 -8.31 -15.46 -3.59
C VAL A 88 -8.00 -16.82 -3.01
N ILE A 89 -6.71 -17.12 -2.90
CA ILE A 89 -6.24 -18.41 -2.41
C ILE A 89 -5.09 -18.11 -1.48
N PHE A 90 -5.34 -18.14 -0.18
CA PHE A 90 -4.46 -17.48 0.77
C PHE A 90 -4.17 -18.41 1.95
N GLU A 91 -2.90 -18.51 2.30
CA GLU A 91 -2.40 -19.35 3.40
C GLU A 91 -2.93 -20.78 3.37
N MET A 92 -3.11 -21.34 2.17
CA MET A 92 -3.47 -22.74 2.06
C MET A 92 -2.23 -23.56 2.40
N THR A 93 -1.99 -23.71 3.70
CA THR A 93 -0.76 -24.27 4.23
C THR A 93 -0.41 -25.67 3.73
N ASN A 94 -1.32 -26.39 3.09
CA ASN A 94 -0.97 -27.68 2.49
C ASN A 94 -1.28 -27.83 1.01
N LEU A 95 -1.79 -26.78 0.37
CA LEU A 95 -2.20 -26.89 -1.03
C LEU A 95 -1.01 -26.98 -1.96
N LYS A 96 -0.95 -28.05 -2.74
CA LYS A 96 0.14 -28.27 -3.69
C LYS A 96 -0.15 -27.66 -5.05
N ASP A 97 -1.37 -27.80 -5.53
CA ASP A 97 -1.69 -27.41 -6.90
C ASP A 97 -3.17 -27.09 -6.99
N ILE A 98 -3.51 -26.23 -7.94
CA ILE A 98 -4.86 -25.66 -7.98
C ILE A 98 -5.88 -26.67 -8.49
N GLY A 99 -5.58 -27.33 -9.61
CA GLY A 99 -6.64 -28.09 -10.26
C GLY A 99 -7.56 -27.16 -11.04
N LEU A 100 -8.85 -27.20 -10.72
CA LEU A 100 -9.84 -26.38 -11.42
C LEU A 100 -9.75 -26.53 -12.93
N TYR A 101 -9.30 -27.68 -13.40
CA TYR A 101 -8.63 -27.74 -14.69
C TYR A 101 -9.56 -27.36 -15.83
N ASN A 102 -10.87 -27.50 -15.64
CA ASN A 102 -11.85 -27.06 -16.61
C ASN A 102 -12.09 -25.56 -16.63
N LEU A 103 -11.46 -24.80 -15.75
CA LEU A 103 -11.73 -23.36 -15.69
C LEU A 103 -11.34 -22.70 -17.00
N ARG A 104 -12.26 -21.89 -17.54
CA ARG A 104 -12.13 -21.38 -18.90
C ARG A 104 -12.43 -19.91 -19.08
N ASN A 105 -13.05 -19.24 -18.12
CA ASN A 105 -13.14 -17.79 -18.15
C ASN A 105 -13.29 -17.25 -16.75
N ILE A 106 -12.67 -16.10 -16.49
CA ILE A 106 -12.96 -15.28 -15.31
C ILE A 106 -13.37 -13.92 -15.81
N THR A 107 -14.62 -13.55 -15.55
CA THR A 107 -15.31 -12.57 -16.40
C THR A 107 -15.22 -11.16 -15.85
N ARG A 108 -14.48 -10.91 -14.77
CA ARG A 108 -14.31 -9.55 -14.31
C ARG A 108 -13.02 -9.29 -13.54
N GLY A 109 -12.89 -9.88 -12.36
CA GLY A 109 -11.81 -9.52 -11.46
C GLY A 109 -10.47 -10.18 -11.75
N ALA A 110 -9.46 -9.73 -11.01
CA ALA A 110 -8.13 -10.31 -11.00
C ALA A 110 -7.99 -11.48 -10.03
N ILE A 111 -6.77 -12.00 -9.95
CA ILE A 111 -6.37 -13.07 -9.03
C ILE A 111 -5.37 -12.56 -8.01
N ARG A 112 -5.53 -13.00 -6.77
CA ARG A 112 -4.48 -12.90 -5.76
C ARG A 112 -4.22 -14.27 -5.15
N ILE A 113 -3.08 -14.86 -5.49
CA ILE A 113 -2.66 -16.17 -4.99
C ILE A 113 -1.37 -15.99 -4.22
N GLU A 114 -1.40 -16.26 -2.91
CA GLU A 114 -0.40 -15.68 -2.04
C GLU A 114 -0.10 -16.57 -0.84
N LYS A 115 1.16 -16.49 -0.39
CA LYS A 115 1.68 -17.21 0.78
C LYS A 115 1.55 -18.72 0.76
N ASN A 116 0.97 -19.30 -0.29
CA ASN A 116 0.64 -20.71 -0.21
C ASN A 116 1.92 -21.55 -0.11
N ALA A 117 2.03 -22.26 1.02
CA ALA A 117 3.33 -22.78 1.44
C ALA A 117 3.92 -23.75 0.44
N ASP A 118 3.07 -24.56 -0.20
CA ASP A 118 3.52 -25.65 -1.06
C ASP A 118 3.02 -25.55 -2.49
N LEU A 119 2.50 -24.40 -2.90
CA LEU A 119 1.78 -24.29 -4.16
C LEU A 119 2.78 -24.30 -5.30
N CYS A 120 2.89 -25.46 -5.97
CA CYS A 120 3.44 -25.56 -7.31
C CYS A 120 2.49 -24.97 -8.34
N TYR A 121 2.93 -25.04 -9.60
CA TYR A 121 2.08 -24.82 -10.76
C TYR A 121 1.48 -23.41 -10.78
N LEU A 122 2.16 -22.48 -10.14
CA LEU A 122 1.85 -21.06 -10.30
C LEU A 122 2.43 -20.50 -11.59
N SER A 123 1.58 -19.84 -12.37
CA SER A 123 1.97 -19.18 -13.61
C SER A 123 2.56 -20.10 -14.66
N THR A 124 2.60 -21.41 -14.43
CA THR A 124 2.75 -22.34 -15.53
C THR A 124 1.44 -22.54 -16.27
N VAL A 125 0.57 -21.52 -16.26
CA VAL A 125 -0.75 -21.59 -16.84
C VAL A 125 -1.12 -20.19 -17.30
N ASP A 126 -1.41 -20.03 -18.58
CA ASP A 126 -1.50 -18.71 -19.20
C ASP A 126 -2.76 -17.98 -18.74
N TRP A 127 -2.60 -17.15 -17.71
CA TRP A 127 -3.68 -16.30 -17.22
C TRP A 127 -4.24 -15.36 -18.28
N SER A 128 -3.51 -15.11 -19.36
CA SER A 128 -4.05 -14.29 -20.43
C SER A 128 -4.98 -15.06 -21.36
N LEU A 129 -4.89 -16.38 -21.36
CA LEU A 129 -5.91 -17.17 -22.03
C LEU A 129 -7.19 -17.22 -21.20
N ILE A 130 -7.05 -17.39 -19.89
CA ILE A 130 -8.21 -17.53 -19.02
C ILE A 130 -8.85 -16.19 -18.69
N LEU A 131 -8.08 -15.12 -18.59
CA LEU A 131 -8.65 -13.81 -18.30
C LEU A 131 -7.86 -12.71 -18.97
N ASP A 132 -8.56 -11.59 -19.20
CA ASP A 132 -7.94 -10.34 -19.55
C ASP A 132 -7.15 -9.76 -18.38
N ALA A 133 -6.30 -8.79 -18.70
CA ALA A 133 -5.67 -7.91 -17.71
C ALA A 133 -4.88 -8.68 -16.67
N VAL A 134 -3.96 -9.53 -17.15
CA VAL A 134 -3.07 -10.26 -16.27
C VAL A 134 -2.26 -9.32 -15.38
N SER A 135 -2.03 -8.08 -15.84
CA SER A 135 -1.30 -7.08 -15.08
C SER A 135 -1.98 -6.64 -13.79
N ASN A 136 -3.24 -7.00 -13.57
CA ASN A 136 -3.85 -6.82 -12.27
C ASN A 136 -3.66 -8.00 -11.34
N ASN A 137 -3.17 -9.14 -11.83
CA ASN A 137 -2.93 -10.27 -10.96
C ASN A 137 -1.83 -9.95 -9.97
N TYR A 138 -1.86 -10.64 -8.83
CA TYR A 138 -0.92 -10.43 -7.75
C TYR A 138 -0.57 -11.79 -7.14
N ILE A 139 0.33 -12.52 -7.80
CA ILE A 139 0.84 -13.79 -7.32
C ILE A 139 2.17 -13.55 -6.64
N VAL A 140 2.22 -13.76 -5.32
CA VAL A 140 3.29 -13.27 -4.49
C VAL A 140 3.58 -14.31 -3.40
N GLY A 141 4.84 -14.36 -2.98
CA GLY A 141 5.17 -14.95 -1.70
C GLY A 141 4.99 -16.45 -1.60
N ASN A 142 4.46 -17.09 -2.64
CA ASN A 142 4.33 -18.54 -2.66
C ASN A 142 5.66 -19.27 -2.65
N LYS A 143 5.60 -20.60 -2.65
CA LYS A 143 6.74 -21.49 -2.82
C LYS A 143 7.65 -21.00 -3.93
N PRO A 144 8.93 -20.77 -3.66
CA PRO A 144 9.74 -19.95 -4.56
C PRO A 144 10.14 -20.69 -5.82
N PRO A 145 10.46 -19.96 -6.88
CA PRO A 145 10.34 -20.50 -8.25
C PRO A 145 11.01 -21.84 -8.50
N LYS A 146 12.29 -21.94 -8.15
CA LYS A 146 13.13 -23.10 -8.51
C LYS A 146 12.79 -24.38 -7.76
N GLU A 147 11.95 -24.33 -6.74
CA GLU A 147 11.82 -25.49 -5.87
C GLU A 147 10.85 -26.53 -6.40
N CYS A 148 9.94 -26.15 -7.29
CA CYS A 148 8.85 -27.04 -7.68
C CYS A 148 9.29 -28.11 -8.69
N GLY A 149 9.69 -27.67 -9.88
CA GLY A 149 9.74 -28.59 -11.01
C GLY A 149 8.37 -28.88 -11.59
N ASP A 150 7.67 -27.81 -11.99
CA ASP A 150 6.34 -27.94 -12.58
C ASP A 150 6.42 -28.74 -13.88
N LEU A 151 5.45 -29.65 -14.06
CA LEU A 151 5.49 -30.56 -15.18
C LEU A 151 4.07 -30.87 -15.63
N CYS A 152 3.95 -31.26 -16.90
CA CYS A 152 2.89 -32.14 -17.35
C CYS A 152 3.42 -33.54 -17.59
N PRO A 153 2.54 -34.53 -17.70
CA PRO A 153 2.95 -35.87 -18.10
C PRO A 153 3.78 -35.84 -19.38
N GLY A 154 4.77 -36.73 -19.44
CA GLY A 154 5.69 -36.81 -20.56
C GLY A 154 6.66 -35.66 -20.70
N THR A 155 6.37 -34.51 -20.10
CA THR A 155 7.29 -33.38 -20.15
C THR A 155 8.54 -33.67 -19.33
N MET A 161 4.95 -32.93 -24.88
CA MET A 161 3.87 -33.91 -24.89
C MET A 161 2.59 -33.32 -24.31
N CYS A 162 2.43 -32.01 -24.46
CA CYS A 162 1.27 -31.33 -23.89
C CYS A 162 0.99 -30.04 -24.65
N GLU A 163 -0.23 -29.56 -24.48
CA GLU A 163 -0.62 -28.24 -24.94
C GLU A 163 0.29 -27.15 -24.39
N LYS A 164 0.62 -26.19 -25.26
CA LYS A 164 1.76 -25.30 -25.09
C LYS A 164 1.34 -23.88 -25.46
N THR A 165 2.18 -22.92 -25.11
CA THR A 165 2.16 -21.63 -25.77
C THR A 165 3.41 -20.85 -25.37
N THR A 166 3.59 -19.70 -26.00
CA THR A 166 4.50 -18.65 -25.50
C THR A 166 3.95 -18.12 -24.18
N ILE A 167 4.23 -18.86 -23.11
CA ILE A 167 3.81 -18.44 -21.78
C ILE A 167 4.50 -17.11 -21.49
N ASN A 168 3.77 -16.01 -21.65
CA ASN A 168 4.36 -14.67 -21.69
C ASN A 168 5.46 -14.70 -22.76
N ASN A 169 6.69 -14.32 -22.44
CA ASN A 169 7.81 -14.42 -23.36
C ASN A 169 8.55 -15.74 -23.24
N GLU A 170 8.06 -16.67 -22.43
CA GLU A 170 8.51 -18.05 -22.53
C GLU A 170 8.00 -18.70 -23.81
N TYR A 171 8.31 -19.98 -23.95
CA TYR A 171 7.55 -20.88 -24.80
C TYR A 171 7.57 -22.24 -24.10
N ASN A 172 6.41 -22.73 -23.71
CA ASN A 172 6.40 -23.85 -22.77
C ASN A 172 5.09 -24.61 -22.86
N TYR A 173 5.14 -25.85 -22.39
CA TYR A 173 3.94 -26.54 -21.93
C TYR A 173 3.27 -25.77 -20.80
N ARG A 174 1.94 -25.78 -20.81
CA ARG A 174 1.11 -25.16 -19.77
C ARG A 174 0.38 -26.25 -19.01
N CYS A 175 0.42 -26.17 -17.68
CA CYS A 175 0.10 -27.33 -16.84
C CYS A 175 -0.61 -26.91 -15.56
N TRP A 176 -1.87 -27.32 -15.41
CA TRP A 176 -2.58 -27.08 -14.17
C TRP A 176 -2.01 -27.93 -13.05
N THR A 177 -1.68 -29.17 -13.37
CA THR A 177 -1.18 -30.13 -12.39
C THR A 177 -0.51 -31.26 -13.15
N THR A 178 0.26 -32.06 -12.41
CA THR A 178 1.10 -33.06 -13.03
C THR A 178 0.31 -34.08 -13.84
N ASN A 179 -1.00 -34.16 -13.65
CA ASN A 179 -1.83 -35.07 -14.44
C ASN A 179 -2.50 -34.43 -15.65
N ARG A 180 -2.64 -33.12 -15.70
CA ARG A 180 -3.57 -32.51 -16.64
C ARG A 180 -2.97 -31.28 -17.30
N CYS A 181 -3.02 -31.26 -18.63
CA CYS A 181 -2.79 -30.06 -19.39
C CYS A 181 -3.84 -29.00 -19.06
N GLN A 182 -3.50 -27.74 -19.36
CA GLN A 182 -4.48 -26.67 -19.47
C GLN A 182 -5.36 -26.84 -20.71
N LYS A 183 -6.42 -27.62 -20.57
CA LYS A 183 -7.34 -27.93 -21.64
C LYS A 183 -7.76 -26.66 -22.37
N MET A 184 -7.50 -26.60 -23.69
CA MET A 184 -7.55 -25.33 -24.41
C MET A 184 -8.23 -25.50 -25.76
N CYS A 185 -8.96 -24.45 -26.16
CA CYS A 185 -9.72 -24.42 -27.41
C CYS A 185 -8.94 -23.74 -28.52
N PRO A 186 -8.72 -24.38 -29.66
CA PRO A 186 -7.69 -23.89 -30.59
C PRO A 186 -8.08 -22.56 -31.20
N SER A 187 -7.06 -21.86 -31.69
CA SER A 187 -7.23 -20.51 -32.22
C SER A 187 -8.21 -20.46 -33.38
N THR A 188 -8.38 -21.56 -34.11
CA THR A 188 -9.45 -21.64 -35.10
C THR A 188 -10.79 -21.18 -34.56
N CYS A 189 -11.04 -21.36 -33.25
CA CYS A 189 -12.30 -20.90 -32.69
C CYS A 189 -12.39 -19.38 -32.60
N GLY A 190 -11.27 -18.68 -32.70
CA GLY A 190 -11.28 -17.24 -32.49
C GLY A 190 -11.84 -16.86 -31.13
N LYS A 191 -12.89 -16.04 -31.15
CA LYS A 191 -13.58 -15.65 -29.92
C LYS A 191 -14.44 -16.77 -29.33
N ARG A 192 -14.68 -17.84 -30.09
CA ARG A 192 -15.58 -18.88 -29.64
C ARG A 192 -14.91 -19.77 -28.59
N ALA A 193 -15.74 -20.36 -27.73
CA ALA A 193 -15.31 -21.51 -26.94
C ALA A 193 -15.43 -22.78 -27.77
N CYS A 194 -15.26 -23.93 -27.12
CA CYS A 194 -15.28 -25.18 -27.85
C CYS A 194 -15.78 -26.30 -26.96
N THR A 195 -16.25 -27.36 -27.59
CA THR A 195 -16.61 -28.58 -26.91
C THR A 195 -15.39 -29.52 -26.87
N GLU A 196 -15.55 -30.63 -26.17
CA GLU A 196 -14.54 -31.69 -26.22
C GLU A 196 -14.34 -32.15 -27.66
N ASN A 197 -13.13 -32.59 -27.95
CA ASN A 197 -12.59 -32.67 -29.31
C ASN A 197 -12.45 -31.30 -29.96
N ASN A 198 -12.47 -30.25 -29.16
CA ASN A 198 -12.02 -28.92 -29.58
C ASN A 198 -12.77 -28.41 -30.80
N GLU A 199 -14.07 -28.69 -30.88
CA GLU A 199 -14.90 -28.19 -31.97
C GLU A 199 -15.70 -27.00 -31.46
N CYS A 200 -15.63 -25.90 -32.20
CA CYS A 200 -16.01 -24.60 -31.65
C CYS A 200 -17.53 -24.45 -31.56
N CYS A 201 -17.98 -23.96 -30.41
CA CYS A 201 -19.37 -24.03 -30.00
C CYS A 201 -20.10 -22.73 -30.30
N HIS A 202 -21.31 -22.61 -29.77
CA HIS A 202 -22.15 -21.45 -30.03
C HIS A 202 -21.53 -20.20 -29.43
N PRO A 203 -21.62 -19.05 -30.11
CA PRO A 203 -20.95 -17.84 -29.62
C PRO A 203 -21.61 -17.19 -28.42
N GLU A 204 -22.64 -17.80 -27.84
CA GLU A 204 -23.12 -17.47 -26.51
C GLU A 204 -22.62 -18.40 -25.40
N CYS A 205 -21.94 -19.49 -25.72
CA CYS A 205 -21.38 -20.31 -24.66
C CYS A 205 -20.19 -19.60 -24.04
N LEU A 206 -20.05 -19.75 -22.73
CA LEU A 206 -18.80 -19.49 -22.02
C LEU A 206 -18.28 -20.77 -21.38
N GLY A 207 -17.03 -21.08 -21.66
CA GLY A 207 -16.49 -22.37 -21.35
C GLY A 207 -17.18 -23.49 -22.14
N SER A 208 -16.97 -24.70 -21.62
CA SER A 208 -17.25 -25.89 -22.40
C SER A 208 -18.72 -26.03 -22.77
N CYS A 209 -19.04 -27.10 -23.48
CA CYS A 209 -20.34 -27.24 -24.13
C CYS A 209 -20.53 -28.71 -24.50
N SER A 210 -21.67 -29.27 -24.13
CA SER A 210 -21.87 -30.72 -24.26
C SER A 210 -22.03 -31.16 -25.71
N ALA A 211 -22.39 -30.25 -26.61
CA ALA A 211 -22.50 -30.58 -28.01
C ALA A 211 -22.27 -29.32 -28.82
N PRO A 212 -21.76 -29.44 -30.05
CA PRO A 212 -21.33 -28.25 -30.79
C PRO A 212 -22.51 -27.40 -31.22
N ASP A 213 -22.39 -26.08 -30.98
CA ASP A 213 -23.20 -25.08 -31.67
C ASP A 213 -24.70 -25.33 -31.50
N ASN A 214 -25.11 -25.93 -30.39
CA ASN A 214 -26.50 -25.92 -29.98
C ASN A 214 -26.64 -25.00 -28.78
N ASP A 215 -27.51 -24.00 -28.90
CA ASP A 215 -27.61 -22.99 -27.85
C ASP A 215 -27.97 -23.60 -26.49
N THR A 216 -28.67 -24.73 -26.50
CA THR A 216 -28.95 -25.41 -25.24
C THR A 216 -27.71 -26.04 -24.64
N ALA A 217 -26.68 -26.27 -25.46
CA ALA A 217 -25.58 -27.14 -25.08
C ALA A 217 -24.57 -26.44 -24.18
N CYS A 218 -24.61 -25.13 -24.08
CA CYS A 218 -23.61 -24.41 -23.31
C CYS A 218 -23.62 -24.90 -21.86
N VAL A 219 -22.44 -24.87 -21.24
CA VAL A 219 -22.38 -24.96 -19.78
C VAL A 219 -22.81 -23.65 -19.14
N ALA A 220 -22.20 -22.55 -19.55
CA ALA A 220 -22.47 -21.25 -18.96
C ALA A 220 -22.60 -20.21 -20.05
N CYS A 221 -23.17 -19.08 -19.69
CA CYS A 221 -23.61 -18.09 -20.66
C CYS A 221 -22.78 -16.82 -20.55
N ARG A 222 -22.21 -16.40 -21.67
CA ARG A 222 -21.38 -15.20 -21.68
C ARG A 222 -22.20 -13.91 -21.64
N HIS A 223 -23.51 -14.00 -21.54
CA HIS A 223 -24.34 -12.83 -21.31
C HIS A 223 -25.46 -13.12 -20.32
N TYR A 224 -26.47 -13.85 -20.74
CA TYR A 224 -27.54 -14.22 -19.82
C TYR A 224 -28.02 -15.64 -20.09
N TYR A 225 -28.57 -16.24 -19.04
CA TYR A 225 -29.24 -17.54 -19.07
C TYR A 225 -30.74 -17.33 -18.97
N TYR A 226 -31.49 -17.98 -19.84
CA TYR A 226 -32.92 -18.08 -19.61
C TYR A 226 -33.47 -19.39 -20.16
N ALA A 227 -34.35 -19.99 -19.38
CA ALA A 227 -35.06 -21.22 -19.71
C ALA A 227 -34.16 -22.25 -20.38
N GLY A 228 -33.02 -22.53 -19.75
CA GLY A 228 -32.15 -23.57 -20.24
C GLY A 228 -31.35 -23.26 -21.49
N VAL A 229 -31.37 -22.03 -21.97
CA VAL A 229 -30.59 -21.62 -23.14
C VAL A 229 -29.80 -20.37 -22.79
N CYS A 230 -28.54 -20.34 -23.22
CA CYS A 230 -27.77 -19.10 -23.19
C CYS A 230 -28.18 -18.19 -24.32
N VAL A 231 -28.21 -16.90 -24.03
CA VAL A 231 -28.77 -15.91 -24.94
C VAL A 231 -27.97 -14.63 -24.80
N PRO A 232 -27.78 -13.86 -25.87
CA PRO A 232 -27.01 -12.62 -25.74
C PRO A 232 -27.73 -11.51 -24.98
N ALA A 233 -29.07 -11.53 -24.92
CA ALA A 233 -29.82 -10.60 -24.09
C ALA A 233 -31.14 -11.23 -23.67
N CYS A 234 -31.70 -10.70 -22.58
CA CYS A 234 -32.90 -11.29 -22.00
C CYS A 234 -34.11 -11.14 -22.93
N PRO A 235 -34.97 -12.14 -22.99
CA PRO A 235 -36.20 -12.05 -23.79
C PRO A 235 -37.09 -10.89 -23.39
N PRO A 236 -38.02 -10.53 -24.26
CA PRO A 236 -39.06 -9.55 -23.94
C PRO A 236 -39.79 -9.83 -22.62
N ASN A 237 -40.04 -8.76 -21.86
CA ASN A 237 -40.67 -8.81 -20.56
C ASN A 237 -39.91 -9.62 -19.51
N THR A 238 -38.67 -9.98 -19.78
CA THR A 238 -37.84 -10.64 -18.78
C THR A 238 -36.73 -9.69 -18.36
N TYR A 239 -36.50 -9.61 -17.05
CA TYR A 239 -35.61 -8.62 -16.47
C TYR A 239 -34.28 -9.27 -16.11
N ARG A 240 -33.19 -8.56 -16.40
CA ARG A 240 -31.88 -8.99 -15.95
C ARG A 240 -31.84 -8.98 -14.43
N PHE A 241 -31.36 -10.08 -13.84
CA PHE A 241 -31.30 -10.20 -12.39
C PHE A 241 -29.96 -10.80 -11.98
N GLU A 242 -29.38 -10.21 -10.93
CA GLU A 242 -28.09 -10.65 -10.38
C GLU A 242 -27.05 -10.90 -11.46
N GLY A 243 -27.13 -10.15 -12.55
CA GLY A 243 -26.06 -10.17 -13.52
C GLY A 243 -25.87 -11.45 -14.30
N TRP A 244 -26.82 -12.37 -14.28
CA TRP A 244 -26.68 -13.53 -15.15
C TRP A 244 -27.96 -14.18 -15.62
N ARG A 245 -29.09 -13.90 -14.98
CA ARG A 245 -30.33 -14.55 -15.36
C ARG A 245 -31.50 -13.58 -15.44
N CYS A 246 -32.46 -13.96 -16.27
CA CYS A 246 -33.67 -13.21 -16.53
C CYS A 246 -34.80 -13.77 -15.67
N VAL A 247 -35.67 -12.90 -15.17
CA VAL A 247 -36.77 -13.29 -14.30
C VAL A 247 -38.00 -12.45 -14.60
N ASP A 248 -39.07 -12.72 -13.85
CA ASP A 248 -40.34 -12.03 -13.98
C ASP A 248 -40.87 -11.70 -12.59
N ARG A 249 -41.98 -10.96 -12.56
CA ARG A 249 -42.54 -10.46 -11.30
C ARG A 249 -42.81 -11.57 -10.30
N ASP A 250 -43.07 -12.79 -10.78
CA ASP A 250 -43.27 -13.88 -9.84
C ASP A 250 -42.06 -14.11 -8.95
N PHE A 251 -40.85 -13.85 -9.46
CA PHE A 251 -39.68 -13.88 -8.60
C PHE A 251 -39.45 -12.55 -7.89
N CYS A 252 -39.34 -11.46 -8.65
CA CYS A 252 -38.91 -10.18 -8.09
C CYS A 252 -39.90 -9.64 -7.07
N ALA A 253 -41.19 -9.93 -7.24
CA ALA A 253 -42.13 -9.53 -6.21
C ALA A 253 -41.96 -10.35 -4.95
N ASN A 254 -41.44 -11.57 -5.07
CA ASN A 254 -41.42 -12.54 -3.98
C ASN A 254 -40.02 -12.83 -3.48
N ILE A 255 -39.03 -12.02 -3.88
CA ILE A 255 -37.85 -11.83 -3.05
C ILE A 255 -38.21 -11.12 -1.76
N LEU A 256 -37.66 -11.62 -0.65
CA LEU A 256 -37.86 -11.01 0.65
C LEU A 256 -37.28 -9.59 0.68
N SER A 257 -37.92 -8.73 1.46
CA SER A 257 -37.49 -7.34 1.58
C SER A 257 -36.13 -7.25 2.28
N PHE A 266 -38.76 -4.63 -2.78
CA PHE A 266 -38.05 -4.75 -4.05
C PHE A 266 -38.71 -3.87 -5.12
N VAL A 267 -38.04 -3.70 -6.25
CA VAL A 267 -38.52 -2.85 -7.33
C VAL A 267 -37.98 -3.37 -8.66
N ILE A 268 -38.55 -2.83 -9.74
CA ILE A 268 -38.14 -3.14 -11.11
C ILE A 268 -37.87 -1.84 -11.85
N HIS A 269 -36.81 -1.80 -12.64
CA HIS A 269 -36.42 -0.57 -13.30
C HIS A 269 -35.46 -0.85 -14.46
N ASP A 270 -35.77 -0.24 -15.60
CA ASP A 270 -35.00 -0.40 -16.85
C ASP A 270 -34.71 -1.87 -17.16
N GLY A 271 -35.66 -2.74 -16.85
CA GLY A 271 -35.44 -4.15 -17.05
C GLY A 271 -34.41 -4.79 -16.13
N GLU A 272 -33.81 -4.03 -15.23
CA GLU A 272 -33.15 -4.61 -14.08
C GLU A 272 -34.14 -4.90 -12.97
N CYS A 273 -33.91 -6.00 -12.27
CA CYS A 273 -34.56 -6.28 -10.99
C CYS A 273 -33.60 -5.93 -9.86
N MET A 274 -34.06 -5.09 -8.94
CA MET A 274 -33.15 -4.35 -8.09
C MET A 274 -33.74 -4.15 -6.70
N GLN A 275 -32.84 -3.95 -5.74
CA GLN A 275 -33.21 -3.73 -4.34
C GLN A 275 -33.76 -2.34 -4.06
N GLU A 276 -33.46 -1.36 -4.92
CA GLU A 276 -34.03 -0.03 -4.75
C GLU A 276 -33.97 0.70 -6.08
N CYS A 277 -34.82 1.72 -6.20
CA CYS A 277 -34.80 2.56 -7.38
C CYS A 277 -33.53 3.41 -7.39
N PRO A 278 -32.92 3.61 -8.56
CA PRO A 278 -31.74 4.46 -8.65
C PRO A 278 -32.03 5.95 -8.55
N SER A 279 -30.96 6.75 -8.61
CA SER A 279 -31.06 8.19 -8.72
C SER A 279 -32.00 8.59 -9.85
N GLY A 280 -32.82 9.62 -9.58
CA GLY A 280 -33.80 10.11 -10.54
C GLY A 280 -35.07 9.30 -10.63
N PHE A 281 -35.21 8.23 -9.85
CA PHE A 281 -36.46 7.47 -9.80
C PHE A 281 -36.77 7.12 -8.36
N ILE A 282 -38.05 6.87 -8.09
CA ILE A 282 -38.55 6.71 -6.73
C ILE A 282 -39.78 5.81 -6.78
N ARG A 283 -40.12 5.23 -5.64
CA ARG A 283 -41.39 4.56 -5.46
C ARG A 283 -42.56 5.48 -5.77
N ASN A 284 -43.43 5.04 -6.67
CA ASN A 284 -44.83 5.47 -6.70
C ASN A 284 -45.67 4.35 -6.11
N GLY A 285 -46.37 4.64 -5.01
CA GLY A 285 -47.20 3.64 -4.38
C GLY A 285 -48.44 3.23 -5.15
N SER A 286 -48.72 3.86 -6.30
CA SER A 286 -49.87 3.46 -7.08
C SER A 286 -49.77 2.01 -7.51
N GLN A 287 -48.59 1.55 -7.92
CA GLN A 287 -48.24 0.14 -7.86
C GLN A 287 -46.73 0.00 -7.62
N SER A 288 -46.37 -1.02 -6.82
CA SER A 288 -45.03 -1.12 -6.27
C SER A 288 -43.97 -1.39 -7.34
N MET A 289 -44.37 -1.71 -8.56
CA MET A 289 -43.43 -1.77 -9.68
C MET A 289 -42.90 -0.40 -10.05
N TYR A 290 -43.67 0.65 -9.79
CA TYR A 290 -43.33 1.98 -10.30
C TYR A 290 -42.17 2.60 -9.53
N CYS A 291 -40.95 2.37 -10.01
CA CYS A 291 -39.86 3.32 -9.82
C CYS A 291 -40.16 4.53 -10.70
N ILE A 292 -41.02 5.40 -10.21
CA ILE A 292 -41.36 6.60 -10.98
C ILE A 292 -40.14 7.52 -11.02
N PRO A 293 -39.88 8.21 -12.15
CA PRO A 293 -38.78 9.18 -12.17
C PRO A 293 -38.98 10.33 -11.21
N PRO A 299 -32.85 11.82 -6.03
CA PRO A 299 -31.71 11.72 -5.12
C PRO A 299 -31.44 10.31 -4.61
N LYS A 300 -30.25 10.10 -4.07
CA LYS A 300 -29.86 8.83 -3.48
C LYS A 300 -28.75 9.12 -2.50
N VAL A 301 -28.91 8.69 -1.26
CA VAL A 301 -28.03 9.08 -0.16
C VAL A 301 -27.27 7.87 0.36
N CYS A 302 -25.95 7.97 0.41
CA CYS A 302 -25.13 6.99 1.11
C CYS A 302 -25.10 7.35 2.59
N GLU A 303 -25.00 6.33 3.44
CA GLU A 303 -24.99 6.54 4.86
C GLU A 303 -23.56 6.59 5.39
N GLU A 304 -23.43 6.63 6.71
CA GLU A 304 -22.16 6.67 7.41
C GLU A 304 -22.25 5.70 8.58
N GLU A 305 -21.08 5.30 9.09
CA GLU A 305 -21.02 4.74 10.43
C GLU A 305 -19.67 5.04 11.06
N LYS A 306 -18.59 4.63 10.40
CA LYS A 306 -17.35 5.38 10.56
C LYS A 306 -17.57 6.80 10.04
N LYS A 307 -16.99 7.78 10.73
CA LYS A 307 -16.83 9.07 10.07
C LYS A 307 -16.05 8.91 8.77
N THR A 308 -15.00 8.11 8.80
CA THR A 308 -14.09 7.95 7.67
C THR A 308 -14.51 6.71 6.89
N LYS A 309 -15.26 6.93 5.81
CA LYS A 309 -15.53 5.92 4.80
C LYS A 309 -14.33 5.84 3.87
N THR A 310 -13.33 5.08 4.29
CA THR A 310 -12.16 4.91 3.44
C THR A 310 -12.53 4.20 2.15
N ILE A 311 -11.84 4.57 1.07
CA ILE A 311 -11.97 3.93 -0.22
C ILE A 311 -10.61 3.38 -0.64
N ASP A 312 -10.59 2.12 -1.05
CA ASP A 312 -9.35 1.42 -1.32
C ASP A 312 -9.44 0.46 -2.49
N SER A 313 -10.64 0.14 -2.97
CA SER A 313 -10.83 -0.94 -3.94
C SER A 313 -12.23 -0.79 -4.53
N VAL A 314 -12.47 -1.51 -5.63
CA VAL A 314 -13.79 -1.55 -6.23
C VAL A 314 -14.82 -2.12 -5.26
N THR A 315 -14.39 -2.96 -4.32
CA THR A 315 -15.34 -3.52 -3.37
C THR A 315 -15.88 -2.44 -2.45
N SER A 316 -14.99 -1.60 -1.93
CA SER A 316 -15.43 -0.52 -1.05
C SER A 316 -16.11 0.60 -1.82
N ALA A 317 -15.75 0.77 -3.08
CA ALA A 317 -16.41 1.74 -3.95
C ALA A 317 -17.75 1.24 -4.49
N GLN A 318 -17.89 -0.06 -4.66
CA GLN A 318 -19.17 -0.61 -5.11
C GLN A 318 -20.29 -0.34 -4.11
N MET A 319 -19.95 -0.17 -2.83
CA MET A 319 -20.94 0.21 -1.83
C MET A 319 -21.55 1.57 -2.09
N LEU A 320 -20.88 2.43 -2.85
CA LEU A 320 -21.41 3.72 -3.27
C LEU A 320 -22.20 3.69 -4.57
N GLN A 321 -22.37 2.53 -5.20
CA GLN A 321 -22.88 2.50 -6.56
C GLN A 321 -24.21 3.23 -6.69
N GLY A 322 -24.15 4.42 -7.29
CA GLY A 322 -25.33 5.24 -7.49
C GLY A 322 -25.74 6.10 -6.31
N CYS A 323 -24.88 6.30 -5.32
CA CYS A 323 -25.12 7.30 -4.30
C CYS A 323 -24.95 8.71 -4.87
N THR A 324 -25.94 9.56 -4.63
CA THR A 324 -25.86 10.96 -5.03
C THR A 324 -25.29 11.87 -3.96
N ILE A 325 -25.70 11.71 -2.70
CA ILE A 325 -25.21 12.54 -1.60
C ILE A 325 -24.49 11.65 -0.60
N PHE A 326 -23.19 11.89 -0.45
CA PHE A 326 -22.36 11.13 0.48
C PHE A 326 -22.14 11.97 1.74
N LYS A 327 -22.97 11.76 2.75
CA LYS A 327 -22.89 12.58 3.95
C LYS A 327 -21.80 12.13 4.94
N GLY A 328 -20.60 11.87 4.44
CA GLY A 328 -19.49 11.56 5.31
C GLY A 328 -18.17 12.14 4.84
N ASN A 329 -17.07 11.58 5.31
CA ASN A 329 -15.72 11.96 4.89
C ASN A 329 -15.04 10.80 4.19
N LEU A 330 -14.44 11.07 3.04
CA LEU A 330 -13.67 10.09 2.30
C LEU A 330 -12.21 10.03 2.72
N LEU A 331 -11.60 8.88 2.44
CA LEU A 331 -10.17 8.73 2.30
C LEU A 331 -9.95 7.91 1.04
N ILE A 332 -8.90 8.21 0.30
CA ILE A 332 -8.57 7.48 -0.92
C ILE A 332 -7.13 7.01 -0.88
N ASN A 333 -6.91 5.74 -1.23
CA ASN A 333 -5.75 5.00 -0.77
C ASN A 333 -5.29 3.97 -1.80
N ILE A 334 -5.48 4.25 -3.09
CA ILE A 334 -5.46 3.19 -4.10
C ILE A 334 -4.03 2.85 -4.51
N ARG A 335 -3.44 1.89 -3.81
CA ARG A 335 -2.04 1.57 -4.02
C ARG A 335 -1.78 1.08 -5.44
N ARG A 336 -2.68 0.25 -5.97
CA ARG A 336 -2.45 -0.43 -7.24
C ARG A 336 -3.77 -0.57 -7.99
N GLY A 337 -3.65 -0.75 -9.30
CA GLY A 337 -4.77 -1.09 -10.16
C GLY A 337 -4.81 -0.31 -11.45
N ASN A 338 -4.53 -1.03 -12.55
CA ASN A 338 -4.08 -0.40 -13.78
C ASN A 338 -5.11 0.58 -14.34
N ASN A 339 -6.40 0.29 -14.17
CA ASN A 339 -7.44 1.00 -14.89
C ASN A 339 -8.67 1.24 -14.01
N ILE A 340 -8.50 1.20 -12.69
CA ILE A 340 -9.62 1.13 -11.77
C ILE A 340 -10.53 2.35 -11.89
N ALA A 341 -9.96 3.50 -12.26
CA ALA A 341 -10.77 4.68 -12.50
C ALA A 341 -11.94 4.43 -13.44
N SER A 342 -11.77 3.55 -14.42
CA SER A 342 -12.87 3.21 -15.32
C SER A 342 -14.07 2.65 -14.59
N GLU A 343 -13.86 1.94 -13.48
CA GLU A 343 -14.96 1.49 -12.65
C GLU A 343 -15.39 2.54 -11.63
N LEU A 344 -14.43 3.24 -11.04
CA LEU A 344 -14.77 4.21 -10.02
C LEU A 344 -15.65 5.30 -10.60
N GLU A 345 -15.48 5.65 -11.87
CA GLU A 345 -16.41 6.56 -12.49
C GLU A 345 -17.82 5.99 -12.46
N ASN A 346 -17.94 4.68 -12.74
CA ASN A 346 -19.25 4.04 -12.79
C ASN A 346 -19.93 3.99 -11.43
N PHE A 347 -19.18 3.86 -10.34
CA PHE A 347 -19.80 3.87 -9.02
C PHE A 347 -19.96 5.29 -8.47
N MET A 348 -18.89 6.08 -8.50
CA MET A 348 -18.78 7.30 -7.74
C MET A 348 -19.04 8.56 -8.56
N GLY A 349 -18.95 8.48 -9.89
CA GLY A 349 -19.15 9.64 -10.71
C GLY A 349 -20.49 10.31 -10.55
N LEU A 350 -21.44 9.65 -9.91
CA LEU A 350 -22.75 10.22 -9.62
C LEU A 350 -22.75 11.04 -8.34
N ILE A 351 -21.69 10.96 -7.54
CA ILE A 351 -21.61 11.73 -6.30
C ILE A 351 -21.49 13.20 -6.65
N GLU A 352 -22.49 13.99 -6.28
CA GLU A 352 -22.45 15.44 -6.44
C GLU A 352 -21.94 16.16 -5.20
N VAL A 353 -22.12 15.59 -4.00
CA VAL A 353 -21.77 16.26 -2.76
C VAL A 353 -20.98 15.31 -1.87
N VAL A 354 -19.87 15.80 -1.32
CA VAL A 354 -19.29 15.28 -0.10
C VAL A 354 -19.44 16.34 0.98
N THR A 355 -20.07 15.99 2.10
CA THR A 355 -20.37 16.99 3.11
C THR A 355 -19.29 17.10 4.18
N GLY A 356 -18.48 16.07 4.38
CA GLY A 356 -17.35 16.15 5.29
C GLY A 356 -16.15 16.83 4.70
N TYR A 357 -14.97 16.47 5.22
CA TYR A 357 -13.74 16.73 4.50
C TYR A 357 -13.52 15.70 3.41
N VAL A 358 -12.47 15.91 2.63
CA VAL A 358 -11.91 14.90 1.75
C VAL A 358 -10.41 14.81 1.96
N LYS A 359 -9.88 13.61 1.90
CA LYS A 359 -8.45 13.39 1.97
C LYS A 359 -8.06 12.39 0.89
N ILE A 360 -6.82 12.50 0.45
CA ILE A 360 -6.21 11.55 -0.47
C ILE A 360 -4.82 11.19 0.04
N ARG A 361 -4.47 9.91 -0.07
CA ARG A 361 -3.24 9.42 0.52
C ARG A 361 -2.67 8.30 -0.34
N HIS A 362 -1.35 8.35 -0.54
CA HIS A 362 -0.56 7.26 -1.12
C HIS A 362 -1.18 6.66 -2.39
N SER A 363 -2.01 7.39 -3.13
CA SER A 363 -2.86 6.80 -4.15
C SER A 363 -2.10 6.67 -5.48
N HIS A 364 -1.01 5.91 -5.41
CA HIS A 364 -0.03 5.83 -6.48
C HIS A 364 -0.59 5.27 -7.78
N ALA A 365 -1.79 4.69 -7.77
CA ALA A 365 -2.44 4.27 -9.01
C ALA A 365 -3.13 5.39 -9.77
N LEU A 366 -3.57 6.46 -9.09
CA LEU A 366 -4.36 7.47 -9.80
C LEU A 366 -3.48 8.32 -10.69
N VAL A 367 -3.92 8.49 -11.94
CA VAL A 367 -3.43 9.58 -12.77
C VAL A 367 -4.33 10.81 -12.70
N SER A 368 -5.64 10.62 -12.47
CA SER A 368 -6.56 11.73 -12.49
C SER A 368 -7.80 11.45 -11.65
N LEU A 369 -8.35 12.53 -11.08
CA LEU A 369 -9.68 12.56 -10.50
C LEU A 369 -10.79 12.58 -11.54
N SER A 370 -10.46 12.48 -12.83
CA SER A 370 -11.46 12.65 -13.88
C SER A 370 -12.72 11.83 -13.61
N PHE A 371 -12.60 10.66 -12.98
CA PHE A 371 -13.74 9.80 -12.75
C PHE A 371 -14.74 10.33 -11.73
N LEU A 372 -14.42 11.40 -11.01
CA LEU A 372 -15.36 11.94 -10.02
C LEU A 372 -16.43 12.80 -10.69
N LYS A 373 -17.05 12.21 -11.72
CA LYS A 373 -17.64 12.94 -12.83
C LYS A 373 -18.46 14.16 -12.46
N ASN A 374 -19.41 14.00 -11.53
CA ASN A 374 -20.38 15.05 -11.22
C ASN A 374 -20.20 15.66 -9.84
N LEU A 375 -19.04 15.48 -9.23
CA LEU A 375 -18.76 16.11 -7.94
C LEU A 375 -18.92 17.63 -8.06
N ARG A 376 -19.83 18.20 -7.28
CA ARG A 376 -19.96 19.65 -7.18
C ARG A 376 -19.32 20.24 -5.93
N LEU A 377 -19.66 19.72 -4.75
CA LEU A 377 -19.50 20.46 -3.52
C LEU A 377 -18.67 19.68 -2.51
N ILE A 378 -17.95 20.44 -1.69
CA ILE A 378 -17.29 19.93 -0.49
C ILE A 378 -17.61 20.91 0.63
N LEU A 379 -18.56 20.56 1.49
CA LEU A 379 -19.09 21.52 2.45
C LEU A 379 -18.19 21.69 3.66
N GLY A 380 -17.32 20.72 3.93
CA GLY A 380 -16.45 20.81 5.10
C GLY A 380 -17.21 20.90 6.41
N GLU A 381 -18.30 20.13 6.53
CA GLU A 381 -18.96 19.95 7.81
C GLU A 381 -17.99 19.39 8.85
N GLU A 382 -16.97 18.67 8.39
CA GLU A 382 -15.97 18.04 9.23
C GLU A 382 -14.63 18.21 8.57
N GLN A 383 -13.59 18.37 9.39
CA GLN A 383 -12.29 18.78 8.91
C GLN A 383 -11.21 17.91 9.53
N LEU A 384 -10.06 17.89 8.87
CA LEU A 384 -8.83 17.37 9.45
C LEU A 384 -8.39 18.23 10.63
N GLU A 385 -7.39 17.72 11.35
CA GLU A 385 -6.61 18.59 12.22
C GLU A 385 -5.95 19.67 11.38
N GLY A 386 -6.03 20.90 11.86
CA GLY A 386 -5.65 22.06 11.09
C GLY A 386 -6.75 22.61 10.23
N ASN A 387 -7.99 22.18 10.46
CA ASN A 387 -9.17 22.69 9.77
C ASN A 387 -9.13 22.50 8.26
N TYR A 388 -8.31 21.59 7.77
CA TYR A 388 -8.32 21.26 6.35
C TYR A 388 -9.60 20.49 6.00
N SER A 389 -10.34 21.03 5.05
CA SER A 389 -11.51 20.40 4.45
C SER A 389 -11.15 19.63 3.18
N PHE A 390 -9.95 19.84 2.65
CA PHE A 390 -9.44 19.06 1.53
C PHE A 390 -7.93 18.93 1.72
N TYR A 391 -7.39 17.81 1.28
CA TYR A 391 -6.02 17.45 1.62
C TYR A 391 -5.51 16.40 0.65
N VAL A 392 -4.25 16.53 0.23
CA VAL A 392 -3.71 15.68 -0.82
C VAL A 392 -2.23 15.40 -0.62
N LEU A 393 -1.89 14.13 -0.38
CA LEU A 393 -0.56 13.79 0.10
C LEU A 393 0.02 12.58 -0.64
N ASP A 394 1.28 12.71 -1.07
CA ASP A 394 2.11 11.59 -1.50
C ASP A 394 1.56 10.85 -2.71
N ASN A 395 0.91 11.56 -3.63
CA ASN A 395 0.21 10.91 -4.73
C ASN A 395 1.14 10.82 -5.93
N GLN A 396 1.97 9.77 -5.91
CA GLN A 396 3.14 9.71 -6.78
C GLN A 396 2.83 9.61 -8.27
N ASN A 397 1.55 9.57 -8.66
CA ASN A 397 1.21 9.58 -10.07
C ASN A 397 0.07 10.50 -10.47
N LEU A 398 -0.54 11.23 -9.54
CA LEU A 398 -1.74 12.02 -9.85
C LEU A 398 -1.35 13.21 -10.73
N GLN A 399 -1.20 12.94 -12.03
CA GLN A 399 -0.79 13.98 -12.95
C GLN A 399 -1.83 15.10 -13.07
N GLN A 400 -3.10 14.78 -12.93
CA GLN A 400 -4.17 15.70 -13.31
C GLN A 400 -5.28 15.72 -12.27
N LEU A 401 -5.80 16.91 -11.99
CA LEU A 401 -7.09 17.02 -11.33
C LEU A 401 -8.22 17.01 -12.35
N TRP A 402 -9.39 16.60 -11.88
CA TRP A 402 -10.60 16.67 -12.69
C TRP A 402 -10.99 18.12 -12.97
N ASP A 403 -10.43 19.07 -12.22
CA ASP A 403 -10.71 20.49 -12.41
C ASP A 403 -10.12 21.01 -13.71
N TRP A 404 -10.70 20.60 -14.82
CA TRP A 404 -10.70 21.41 -16.03
C TRP A 404 -11.83 22.44 -15.94
N ASP A 405 -11.60 23.64 -16.47
CA ASP A 405 -12.49 24.76 -16.22
C ASP A 405 -13.90 24.54 -16.76
N HIS A 406 -14.11 23.55 -17.61
CA HIS A 406 -15.47 23.19 -17.99
C HIS A 406 -16.33 22.91 -16.77
N ARG A 407 -15.73 22.42 -15.69
CA ARG A 407 -16.44 21.76 -14.61
C ARG A 407 -16.10 22.40 -13.28
N ASN A 408 -17.13 22.70 -12.51
CA ASN A 408 -17.01 23.45 -11.27
C ASN A 408 -16.77 22.53 -10.07
N LEU A 409 -16.16 23.09 -9.03
CA LEU A 409 -15.97 22.42 -7.76
C LEU A 409 -15.92 23.49 -6.68
N THR A 410 -16.93 23.51 -5.82
CA THR A 410 -17.11 24.56 -4.83
C THR A 410 -16.83 24.03 -3.43
N ILE A 411 -15.87 24.65 -2.74
CA ILE A 411 -15.56 24.33 -1.35
C ILE A 411 -16.20 25.40 -0.49
N LYS A 412 -17.15 25.01 0.33
CA LYS A 412 -17.99 25.97 1.02
C LYS A 412 -17.45 26.36 2.38
N ALA A 413 -16.34 25.77 2.82
CA ALA A 413 -15.67 26.23 4.03
C ALA A 413 -14.27 25.63 4.10
N GLY A 414 -13.43 26.28 4.90
CA GLY A 414 -12.18 25.70 5.35
C GLY A 414 -11.06 25.71 4.32
N LYS A 415 -9.87 25.41 4.85
CA LYS A 415 -8.64 25.42 4.08
C LYS A 415 -8.57 24.26 3.09
N MET A 416 -7.74 24.44 2.07
CA MET A 416 -7.13 23.35 1.34
C MET A 416 -5.76 23.02 1.91
N TYR A 417 -5.23 21.88 1.47
CA TYR A 417 -3.83 21.53 1.72
C TYR A 417 -3.34 20.71 0.55
N PHE A 418 -2.06 20.81 0.24
CA PHE A 418 -1.45 19.99 -0.80
C PHE A 418 0.02 19.74 -0.47
N ALA A 419 0.46 18.49 -0.58
CA ALA A 419 1.86 18.19 -0.35
C ALA A 419 2.33 17.00 -1.17
N PHE A 420 3.60 17.03 -1.55
CA PHE A 420 4.31 15.90 -2.15
C PHE A 420 3.60 15.30 -3.35
N ASN A 421 3.04 16.13 -4.22
CA ASN A 421 2.39 15.59 -5.41
C ASN A 421 3.31 15.73 -6.61
N PRO A 422 4.27 14.83 -6.80
CA PRO A 422 5.46 15.20 -7.57
C PRO A 422 5.19 15.48 -9.05
N LYS A 423 4.20 14.83 -9.65
CA LYS A 423 3.90 15.00 -11.06
C LYS A 423 2.81 16.02 -11.35
N LEU A 424 2.26 16.68 -10.33
CA LEU A 424 1.17 17.61 -10.54
C LEU A 424 1.72 19.03 -10.62
N CYS A 425 1.67 19.60 -11.82
CA CYS A 425 2.14 20.96 -12.05
C CYS A 425 1.46 21.93 -11.10
N VAL A 426 2.27 22.80 -10.49
CA VAL A 426 1.72 23.83 -9.61
C VAL A 426 0.77 24.74 -10.38
N SER A 427 1.03 24.98 -11.65
CA SER A 427 0.10 25.78 -12.45
C SER A 427 -1.30 25.17 -12.44
N GLU A 428 -1.40 23.85 -12.35
CA GLU A 428 -2.69 23.19 -12.37
C GLU A 428 -3.44 23.43 -11.06
N ILE A 429 -2.74 23.27 -9.94
CA ILE A 429 -3.38 23.48 -8.63
C ILE A 429 -3.66 24.95 -8.41
N TYR A 430 -2.84 25.83 -8.99
CA TYR A 430 -3.17 27.25 -9.02
C TYR A 430 -4.41 27.53 -9.84
N ARG A 431 -4.54 26.90 -11.01
CA ARG A 431 -5.77 27.06 -11.77
C ARG A 431 -6.97 26.59 -10.96
N MET A 432 -6.81 25.52 -10.18
CA MET A 432 -7.88 25.13 -9.27
C MET A 432 -8.12 26.22 -8.23
N GLU A 433 -7.06 26.82 -7.73
CA GLU A 433 -7.19 27.94 -6.79
C GLU A 433 -8.01 29.06 -7.42
N GLU A 434 -7.88 29.22 -8.73
CA GLU A 434 -8.64 30.23 -9.46
C GLU A 434 -10.11 29.87 -9.53
N VAL A 435 -10.43 28.67 -10.02
CA VAL A 435 -11.83 28.34 -10.24
C VAL A 435 -12.57 28.10 -8.92
N THR A 436 -11.87 27.63 -7.89
CA THR A 436 -12.42 27.64 -6.54
C THR A 436 -12.37 29.02 -5.89
N GLY A 437 -11.59 29.95 -6.44
CA GLY A 437 -11.58 31.31 -5.96
C GLY A 437 -11.02 31.45 -4.56
N THR A 438 -10.13 30.56 -4.16
CA THR A 438 -9.94 30.17 -2.76
C THR A 438 -8.53 30.51 -2.29
N LYS A 439 -8.03 31.66 -2.74
CA LYS A 439 -6.66 32.08 -2.41
C LYS A 439 -6.52 32.40 -0.94
N GLY A 440 -7.45 33.16 -0.39
CA GLY A 440 -7.31 33.78 0.92
C GLY A 440 -7.38 32.85 2.11
N ARG A 441 -6.84 31.63 1.97
CA ARG A 441 -6.98 30.63 3.01
C ARG A 441 -5.72 29.79 3.25
N GLN A 442 -4.61 30.06 2.56
CA GLN A 442 -3.45 29.17 2.64
C GLN A 442 -2.16 29.97 2.69
N SER A 443 -1.16 29.35 3.31
CA SER A 443 0.23 29.82 3.33
C SER A 443 0.97 29.42 2.07
N LYS A 444 2.29 29.63 2.08
CA LYS A 444 3.17 29.03 1.09
C LYS A 444 3.20 27.51 1.22
N GLY A 445 3.20 27.02 2.46
CA GLY A 445 3.34 25.59 2.67
C GLY A 445 2.13 24.81 2.18
N ASP A 446 0.93 25.28 2.51
CA ASP A 446 -0.27 24.48 2.25
C ASP A 446 -0.45 24.18 0.77
N ILE A 447 0.10 25.01 -0.12
CA ILE A 447 -0.04 24.81 -1.55
C ILE A 447 1.31 24.97 -2.22
N ASN A 448 2.37 24.54 -1.54
CA ASN A 448 3.72 24.95 -1.88
C ASN A 448 4.11 24.56 -3.29
N THR A 449 5.07 25.31 -3.85
CA THR A 449 5.90 24.87 -4.96
C THR A 449 7.03 23.95 -4.52
N ARG A 450 7.44 24.04 -3.25
CA ARG A 450 8.65 23.40 -2.76
C ARG A 450 8.54 21.90 -2.63
N ASN A 451 7.39 21.30 -2.94
CA ASN A 451 7.34 19.87 -3.11
C ASN A 451 6.23 19.43 -4.06
N ASN A 452 5.11 20.15 -4.07
CA ASN A 452 4.06 19.83 -5.02
C ASN A 452 4.55 20.13 -6.44
N GLY A 453 4.54 19.12 -7.30
CA GLY A 453 4.91 19.29 -8.68
C GLY A 453 6.39 19.49 -8.93
N GLU A 454 7.24 19.22 -7.93
CA GLU A 454 8.64 19.57 -8.03
C GLU A 454 9.34 18.83 -9.16
N ARG A 455 8.85 17.65 -9.53
CA ARG A 455 9.40 16.85 -10.61
C ARG A 455 8.46 16.71 -11.80
N ALA A 456 7.45 17.56 -11.89
CA ALA A 456 6.45 17.42 -12.94
C ALA A 456 7.06 17.73 -14.30
N SER A 457 6.80 16.84 -15.26
CA SER A 457 7.21 17.05 -16.63
C SER A 457 6.23 17.97 -17.37
N PRO B 299 46.77 30.21 11.69
CA PRO B 299 45.53 30.84 11.23
C PRO B 299 45.80 31.94 10.21
N LYS B 300 44.86 32.14 9.28
CA LYS B 300 44.92 33.27 8.38
C LYS B 300 43.54 33.84 8.13
N VAL B 301 43.46 35.16 8.16
CA VAL B 301 42.25 35.88 7.79
C VAL B 301 42.14 35.88 6.27
N CYS B 302 40.90 35.81 5.77
CA CYS B 302 40.62 36.00 4.36
C CYS B 302 39.57 37.09 4.22
N GLU B 303 39.86 38.05 3.36
CA GLU B 303 38.85 38.94 2.79
C GLU B 303 38.59 38.57 1.34
N GLU B 304 37.32 38.48 0.98
CA GLU B 304 36.89 38.09 -0.35
C GLU B 304 36.12 39.25 -0.96
N GLU B 305 36.12 39.31 -2.28
CA GLU B 305 35.72 40.54 -2.96
C GLU B 305 34.23 40.80 -2.81
N LYS B 306 33.40 39.76 -2.88
CA LYS B 306 32.00 39.96 -2.56
C LYS B 306 31.81 40.19 -1.07
N LYS B 307 30.72 40.88 -0.73
CA LYS B 307 30.24 40.87 0.64
C LYS B 307 29.93 39.45 1.10
N THR B 308 29.32 38.66 0.21
CA THR B 308 29.06 37.24 0.45
C THR B 308 29.76 36.41 -0.61
N LYS B 309 30.64 35.51 -0.17
CA LYS B 309 31.17 34.48 -1.05
C LYS B 309 30.13 33.38 -1.15
N THR B 310 29.51 33.24 -2.32
CA THR B 310 28.81 32.00 -2.62
C THR B 310 29.81 30.88 -2.82
N ILE B 311 29.43 29.69 -2.36
CA ILE B 311 30.08 28.45 -2.76
C ILE B 311 29.05 27.59 -3.44
N ASP B 312 29.28 27.30 -4.71
CA ASP B 312 28.43 26.42 -5.49
C ASP B 312 29.02 25.02 -5.65
N SER B 313 30.29 24.84 -5.31
CA SER B 313 31.04 23.67 -5.75
C SER B 313 32.35 23.61 -4.97
N VAL B 314 32.99 22.44 -5.04
CA VAL B 314 34.35 22.29 -4.52
C VAL B 314 35.30 23.32 -5.12
N THR B 315 35.21 23.51 -6.44
CA THR B 315 36.11 24.44 -7.12
C THR B 315 35.95 25.87 -6.64
N SER B 316 34.74 26.26 -6.23
CA SER B 316 34.58 27.61 -5.70
C SER B 316 34.94 27.69 -4.21
N ALA B 317 34.75 26.60 -3.47
CA ALA B 317 35.27 26.55 -2.11
C ALA B 317 36.80 26.59 -2.11
N GLN B 318 37.41 25.91 -3.06
CA GLN B 318 38.86 25.75 -3.16
C GLN B 318 39.65 27.02 -2.88
N MET B 319 39.12 28.18 -3.27
CA MET B 319 39.85 29.42 -3.04
C MET B 319 39.99 29.73 -1.56
N LEU B 320 39.01 29.35 -0.75
CA LEU B 320 39.07 29.57 0.69
C LEU B 320 39.97 28.58 1.41
N GLN B 321 40.51 27.59 0.69
CA GLN B 321 41.31 26.56 1.33
C GLN B 321 42.43 27.18 2.16
N GLY B 322 42.45 26.83 3.44
CA GLY B 322 43.37 27.41 4.40
C GLY B 322 42.99 28.77 4.90
N CYS B 323 41.81 29.27 4.55
CA CYS B 323 41.19 30.35 5.31
C CYS B 323 40.75 29.86 6.68
N THR B 324 41.02 30.65 7.70
CA THR B 324 40.51 30.39 9.04
C THR B 324 39.48 31.40 9.50
N ILE B 325 39.71 32.68 9.25
CA ILE B 325 38.79 33.75 9.64
C ILE B 325 38.31 34.42 8.37
N PHE B 326 37.02 34.31 8.08
CA PHE B 326 36.45 34.75 6.81
C PHE B 326 35.70 36.05 7.02
N LYS B 327 36.32 37.17 6.65
CA LYS B 327 35.69 38.49 6.77
C LYS B 327 34.78 38.71 5.56
N GLY B 328 33.68 37.98 5.57
CA GLY B 328 32.63 38.14 4.58
C GLY B 328 31.44 37.32 5.01
N ASN B 329 30.37 37.41 4.24
CA ASN B 329 29.31 36.44 4.36
C ASN B 329 29.63 35.20 3.52
N LEU B 330 28.99 34.09 3.89
CA LEU B 330 29.05 32.85 3.15
C LEU B 330 27.68 32.47 2.66
N LEU B 331 27.62 31.90 1.46
CA LEU B 331 26.46 31.15 0.99
C LEU B 331 26.90 29.75 0.60
N ILE B 332 26.09 28.76 0.93
CA ILE B 332 26.22 27.42 0.38
C ILE B 332 24.96 27.07 -0.39
N ASN B 333 25.15 26.63 -1.63
CA ASN B 333 24.09 26.46 -2.61
C ASN B 333 24.34 25.19 -3.42
N ILE B 334 24.72 24.10 -2.75
CA ILE B 334 25.36 22.96 -3.38
C ILE B 334 24.32 21.98 -3.87
N ARG B 335 24.02 22.05 -5.17
CA ARG B 335 22.93 21.27 -5.74
C ARG B 335 23.28 19.78 -5.78
N ARG B 336 24.41 19.44 -6.40
CA ARG B 336 24.74 18.06 -6.69
C ARG B 336 26.25 17.87 -6.74
N GLY B 337 26.67 16.61 -6.62
CA GLY B 337 28.06 16.23 -6.78
C GLY B 337 28.59 15.27 -5.72
N ASN B 338 29.56 14.44 -6.15
CA ASN B 338 30.03 13.31 -5.35
C ASN B 338 31.02 13.70 -4.25
N ASN B 339 30.90 13.02 -3.11
CA ASN B 339 31.85 13.06 -2.00
C ASN B 339 32.19 14.47 -1.53
N ILE B 340 31.39 15.47 -1.94
CA ILE B 340 31.83 16.85 -1.85
C ILE B 340 32.24 17.20 -0.41
N ALA B 341 31.47 16.74 0.56
CA ALA B 341 31.73 17.07 1.96
C ALA B 341 33.13 16.68 2.41
N SER B 342 33.71 15.62 1.85
CA SER B 342 35.07 15.24 2.22
C SER B 342 36.09 16.32 1.87
N GLU B 343 35.91 16.97 0.74
CA GLU B 343 36.85 18.00 0.29
C GLU B 343 36.55 19.38 0.84
N LEU B 344 35.27 19.69 1.08
CA LEU B 344 34.92 20.97 1.68
C LEU B 344 35.49 21.13 3.09
N GLU B 345 35.68 20.03 3.82
CA GLU B 345 36.37 20.15 5.11
C GLU B 345 37.82 20.58 4.92
N ASN B 346 38.45 20.13 3.84
CA ASN B 346 39.81 20.55 3.51
C ASN B 346 39.86 22.00 3.06
N PHE B 347 38.91 22.43 2.24
CA PHE B 347 38.91 23.79 1.73
C PHE B 347 38.31 24.79 2.71
N MET B 348 37.59 24.32 3.72
CA MET B 348 36.88 25.20 4.64
C MET B 348 36.89 24.74 6.09
N GLY B 349 37.27 23.50 6.40
CA GLY B 349 37.06 23.01 7.74
C GLY B 349 37.78 23.83 8.78
N LEU B 350 38.87 24.48 8.39
CA LEU B 350 39.61 25.35 9.27
C LEU B 350 38.92 26.70 9.46
N ILE B 351 37.88 26.97 8.67
CA ILE B 351 37.16 28.23 8.80
C ILE B 351 36.35 28.20 10.10
N GLU B 352 36.61 29.17 10.97
CA GLU B 352 36.10 29.17 12.33
C GLU B 352 35.45 30.46 12.75
N VAL B 353 35.61 31.56 12.00
CA VAL B 353 35.10 32.86 12.39
C VAL B 353 34.56 33.61 11.19
N VAL B 354 33.23 33.67 11.08
CA VAL B 354 32.56 34.28 9.94
C VAL B 354 31.96 35.59 10.40
N THR B 355 32.40 36.68 9.79
CA THR B 355 31.99 38.01 10.24
C THR B 355 30.58 38.39 9.77
N GLY B 356 30.12 37.81 8.68
CA GLY B 356 28.81 38.10 8.13
C GLY B 356 27.70 37.29 8.76
N TYR B 357 26.65 37.08 7.97
CA TYR B 357 25.75 35.96 8.18
C TYR B 357 26.30 34.72 7.47
N VAL B 358 25.65 33.58 7.72
CA VAL B 358 25.87 32.37 6.94
C VAL B 358 24.53 31.83 6.46
N LYS B 359 24.41 31.62 5.15
CA LYS B 359 23.20 31.09 4.55
C LYS B 359 23.52 29.75 3.88
N ILE B 360 22.57 28.83 3.97
CA ILE B 360 22.58 27.59 3.21
C ILE B 360 21.23 27.42 2.53
N ARG B 361 21.25 27.05 1.26
CA ARG B 361 20.00 26.99 0.51
C ARG B 361 20.06 25.92 -0.56
N HIS B 362 18.90 25.32 -0.83
CA HIS B 362 18.70 24.31 -1.86
C HIS B 362 19.74 23.20 -1.83
N SER B 363 20.44 23.02 -0.72
CA SER B 363 21.71 22.30 -0.72
C SER B 363 21.46 20.82 -0.48
N HIS B 364 20.67 20.25 -1.38
CA HIS B 364 20.20 18.87 -1.27
C HIS B 364 21.34 17.86 -1.27
N ALA B 365 22.54 18.27 -1.65
CA ALA B 365 23.71 17.40 -1.54
C ALA B 365 24.11 17.03 -0.13
N LEU B 366 23.76 17.83 0.88
CA LEU B 366 24.41 17.73 2.18
C LEU B 366 23.52 17.11 3.25
N VAL B 367 23.87 15.88 3.64
CA VAL B 367 23.28 15.25 4.82
C VAL B 367 23.90 15.82 6.11
N SER B 368 25.19 16.18 6.08
CA SER B 368 25.90 16.55 7.29
C SER B 368 26.76 17.79 7.07
N LEU B 369 26.71 18.69 8.05
CA LEU B 369 27.58 19.84 8.17
C LEU B 369 28.90 19.56 8.88
N SER B 370 29.23 18.29 9.11
CA SER B 370 30.45 17.95 9.83
C SER B 370 31.71 18.51 9.20
N PHE B 371 31.68 18.90 7.93
CA PHE B 371 32.87 19.46 7.31
C PHE B 371 33.24 20.86 7.80
N LEU B 372 32.31 21.60 8.39
CA LEU B 372 32.68 22.86 9.02
C LEU B 372 33.26 22.64 10.42
N LYS B 373 34.25 21.76 10.48
CA LYS B 373 34.68 21.08 11.69
C LYS B 373 34.51 21.89 12.97
N ASN B 374 35.21 23.02 13.04
CA ASN B 374 35.62 23.65 14.29
C ASN B 374 34.70 24.77 14.77
N LEU B 375 33.68 25.12 14.00
CA LEU B 375 33.14 26.47 14.00
C LEU B 375 32.95 27.03 15.40
N ARG B 376 33.32 28.30 15.57
CA ARG B 376 33.20 29.00 16.84
C ARG B 376 32.25 30.19 16.79
N LEU B 377 32.33 31.03 15.76
CA LEU B 377 31.68 32.34 15.78
C LEU B 377 30.97 32.65 14.47
N ILE B 378 29.78 33.20 14.61
CA ILE B 378 29.11 33.98 13.58
C ILE B 378 28.72 35.31 14.20
N LEU B 379 29.08 36.41 13.53
CA LEU B 379 29.17 37.69 14.21
C LEU B 379 27.93 38.58 14.10
N GLY B 380 26.99 38.27 13.22
CA GLY B 380 25.75 39.04 13.23
C GLY B 380 25.88 40.44 12.67
N GLU B 381 27.05 40.81 12.13
CA GLU B 381 27.22 42.08 11.45
C GLU B 381 26.26 42.25 10.29
N GLU B 382 25.69 41.15 9.79
CA GLU B 382 24.71 41.17 8.71
C GLU B 382 23.49 40.34 9.09
N GLN B 383 23.05 40.49 10.34
CA GLN B 383 21.71 40.08 10.76
C GLN B 383 20.65 40.40 9.73
N LEU B 384 19.96 39.37 9.27
CA LEU B 384 19.05 39.43 8.12
C LEU B 384 17.73 40.09 8.51
N GLU B 385 16.73 40.00 7.63
CA GLU B 385 15.36 40.32 7.99
C GLU B 385 14.91 39.44 9.15
N GLY B 386 14.17 40.03 10.08
CA GLY B 386 13.95 39.36 11.34
C GLY B 386 15.18 39.32 12.21
N ASN B 387 16.31 39.82 11.70
CA ASN B 387 17.58 39.89 12.38
C ASN B 387 18.10 38.48 12.60
N TYR B 388 18.28 37.76 11.49
CA TYR B 388 18.81 36.40 11.49
C TYR B 388 20.24 36.42 10.98
N SER B 389 21.13 35.65 11.64
CA SER B 389 22.50 35.54 11.18
C SER B 389 22.90 34.13 10.76
N PHE B 390 22.02 33.15 10.91
CA PHE B 390 22.24 31.82 10.35
C PHE B 390 20.95 31.29 9.77
N TYR B 391 21.02 30.72 8.56
CA TYR B 391 19.84 30.54 7.73
C TYR B 391 20.01 29.30 6.88
N VAL B 392 19.15 28.31 7.06
CA VAL B 392 19.15 27.09 6.25
C VAL B 392 17.75 26.86 5.71
N LEU B 393 17.61 26.81 4.39
CA LEU B 393 16.31 26.77 3.76
C LEU B 393 16.28 25.75 2.63
N ASP B 394 15.20 24.96 2.60
CA ASP B 394 14.93 24.04 1.49
C ASP B 394 16.00 22.96 1.31
N ASN B 395 16.55 22.47 2.41
CA ASN B 395 17.68 21.55 2.34
C ASN B 395 17.17 20.12 2.41
N GLN B 396 16.70 19.62 1.28
CA GLN B 396 15.87 18.42 1.25
C GLN B 396 16.63 17.13 1.57
N ASN B 397 17.85 17.13 2.09
CA ASN B 397 18.46 15.91 2.61
C ASN B 397 19.17 16.11 3.93
N LEU B 398 19.14 17.30 4.51
CA LEU B 398 19.89 17.62 5.72
C LEU B 398 19.44 16.77 6.90
N GLN B 399 20.23 15.77 7.27
CA GLN B 399 19.94 14.94 8.44
C GLN B 399 20.52 15.50 9.73
N GLN B 400 21.73 16.05 9.68
CA GLN B 400 22.50 16.28 10.91
C GLN B 400 23.31 17.55 10.79
N LEU B 401 23.03 18.50 11.68
CA LEU B 401 23.97 19.57 11.97
C LEU B 401 25.22 19.01 12.64
N TRP B 402 26.25 19.84 12.68
CA TRP B 402 27.41 19.54 13.50
C TRP B 402 27.05 19.39 14.98
N ASP B 403 25.88 19.87 15.40
CA ASP B 403 25.52 19.95 16.80
C ASP B 403 25.58 18.60 17.49
N TRP B 404 26.64 18.37 18.26
CA TRP B 404 27.00 17.03 18.70
C TRP B 404 27.83 17.19 19.96
N ASP B 405 27.94 16.09 20.71
CA ASP B 405 28.58 16.14 22.02
C ASP B 405 29.99 16.71 21.93
N HIS B 406 30.67 16.46 20.82
CA HIS B 406 32.06 16.87 20.68
C HIS B 406 32.25 18.38 20.59
N ARG B 407 31.30 19.14 20.06
CA ARG B 407 31.58 20.53 19.74
C ARG B 407 30.46 21.50 20.06
N ASN B 408 30.86 22.59 20.71
CA ASN B 408 30.00 23.71 21.06
C ASN B 408 29.89 24.66 19.86
N LEU B 409 29.32 25.84 20.10
CA LEU B 409 29.32 26.92 19.14
C LEU B 409 29.09 28.22 19.90
N THR B 410 29.44 29.34 19.26
CA THR B 410 28.91 30.65 19.63
C THR B 410 28.35 31.38 18.43
N ILE B 411 27.15 31.94 18.57
CA ILE B 411 26.63 32.97 17.68
C ILE B 411 26.69 34.29 18.41
N LYS B 412 27.40 35.26 17.84
CA LYS B 412 27.52 36.55 18.50
C LYS B 412 26.17 37.25 18.55
N ALA B 413 25.49 37.32 17.41
CA ALA B 413 24.18 37.94 17.32
C ALA B 413 23.48 37.42 16.06
N GLY B 414 22.19 37.69 16.00
CA GLY B 414 21.37 37.31 14.86
C GLY B 414 20.90 35.87 14.85
N LYS B 415 19.59 35.73 15.01
CA LYS B 415 18.95 34.46 15.31
C LYS B 415 19.02 33.53 14.11
N MET B 416 18.42 32.36 14.27
CA MET B 416 18.52 31.24 13.35
C MET B 416 17.17 30.97 12.71
N TYR B 417 17.19 30.52 11.46
CA TYR B 417 15.98 30.26 10.71
C TYR B 417 16.09 28.90 10.03
N PHE B 418 14.95 28.23 9.91
CA PHE B 418 14.87 26.88 9.38
C PHE B 418 13.50 26.72 8.75
N ALA B 419 13.44 26.31 7.49
CA ALA B 419 12.20 25.77 6.98
C ALA B 419 12.44 24.79 5.84
N PHE B 420 11.43 23.97 5.59
CA PHE B 420 11.46 22.95 4.55
C PHE B 420 12.69 22.04 4.66
N ASN B 421 13.06 21.73 5.89
CA ASN B 421 14.14 20.77 6.11
C ASN B 421 13.51 19.44 6.49
N PRO B 422 12.99 18.68 5.52
CA PRO B 422 12.07 17.60 5.87
C PRO B 422 12.66 16.47 6.70
N LYS B 423 13.97 16.23 6.60
CA LYS B 423 14.61 15.14 7.35
C LYS B 423 15.36 15.60 8.60
N LEU B 424 15.47 16.90 8.85
CA LEU B 424 16.12 17.37 10.07
C LEU B 424 15.12 17.42 11.21
N CYS B 425 15.18 16.41 12.08
CA CYS B 425 14.28 16.33 13.22
C CYS B 425 14.22 17.63 14.00
N VAL B 426 12.98 18.09 14.24
CA VAL B 426 12.71 19.24 15.08
C VAL B 426 13.18 19.06 16.51
N SER B 427 13.35 17.81 16.97
CA SER B 427 13.90 17.54 18.30
C SER B 427 15.40 17.72 18.38
N GLU B 428 16.10 17.72 17.25
CA GLU B 428 17.55 17.91 17.24
C GLU B 428 17.92 19.35 17.49
N ILE B 429 17.29 20.26 16.75
CA ILE B 429 17.61 21.69 16.78
C ILE B 429 17.36 22.31 18.15
N TYR B 430 16.40 21.80 18.92
CA TYR B 430 16.23 22.31 20.28
C TYR B 430 17.54 22.23 21.06
N ARG B 431 18.34 21.19 20.84
CA ARG B 431 19.63 21.12 21.52
C ARG B 431 20.57 22.18 20.97
N MET B 432 20.61 22.29 19.64
CA MET B 432 21.57 23.15 18.98
C MET B 432 21.37 24.62 19.36
N GLU B 433 20.11 25.06 19.43
CA GLU B 433 19.86 26.45 19.80
C GLU B 433 20.24 26.75 21.25
N GLU B 434 20.11 25.77 22.15
CA GLU B 434 20.60 25.96 23.52
C GLU B 434 22.11 26.01 23.57
N VAL B 435 22.78 25.07 22.89
CA VAL B 435 24.24 25.00 22.93
C VAL B 435 24.85 26.26 22.33
N THR B 436 24.19 26.81 21.31
CA THR B 436 24.64 28.04 20.67
C THR B 436 24.43 29.29 21.51
N GLY B 437 23.80 29.18 22.68
CA GLY B 437 23.54 30.33 23.51
C GLY B 437 22.31 31.13 23.13
N THR B 438 21.73 30.89 21.96
CA THR B 438 20.50 31.58 21.54
C THR B 438 19.25 30.93 22.15
N LYS B 439 19.34 30.59 23.43
CA LYS B 439 18.43 29.63 24.06
C LYS B 439 16.98 30.05 23.91
N GLY B 440 16.68 31.33 24.07
CA GLY B 440 15.31 31.81 24.05
C GLY B 440 15.08 33.06 23.22
N ARG B 441 16.02 33.37 22.32
CA ARG B 441 15.86 34.54 21.46
C ARG B 441 14.82 34.30 20.37
N GLN B 442 14.80 33.12 19.77
CA GLN B 442 13.81 32.83 18.75
C GLN B 442 12.40 32.74 19.34
N SER B 443 11.41 32.94 18.48
CA SER B 443 10.00 32.73 18.81
C SER B 443 9.30 31.95 17.70
N LYS B 444 8.13 31.42 18.05
CA LYS B 444 7.50 30.29 17.37
C LYS B 444 7.72 30.24 15.87
N GLY B 445 7.28 31.27 15.15
CA GLY B 445 7.28 31.22 13.69
C GLY B 445 8.64 31.35 13.07
N ASP B 446 9.65 31.73 13.85
CA ASP B 446 10.99 31.91 13.33
C ASP B 446 11.64 30.58 12.93
N ILE B 447 11.15 29.46 13.48
CA ILE B 447 11.70 28.15 13.20
C ILE B 447 10.59 27.11 13.18
N ASN B 448 9.90 27.00 12.06
CA ASN B 448 8.62 26.29 12.03
C ASN B 448 8.78 24.83 12.42
N THR B 449 7.68 24.28 12.96
CA THR B 449 7.57 22.91 13.42
C THR B 449 6.87 21.99 12.42
N ARG B 450 6.39 22.56 11.32
CA ARG B 450 5.43 21.90 10.44
C ARG B 450 6.12 20.97 9.45
N ASN B 451 7.09 21.49 8.71
CA ASN B 451 7.79 20.71 7.69
C ASN B 451 9.16 20.21 8.15
N ASN B 452 9.84 20.93 9.04
CA ASN B 452 11.15 20.50 9.48
C ASN B 452 11.06 19.12 10.11
N GLY B 453 11.78 18.16 9.53
CA GLY B 453 11.85 16.82 10.08
C GLY B 453 10.55 16.05 9.99
N GLU B 454 9.64 16.48 9.11
CA GLU B 454 8.29 15.94 9.13
C GLU B 454 8.25 14.44 8.87
N ARG B 455 9.19 13.92 8.10
CA ARG B 455 9.28 12.50 7.81
C ARG B 455 10.35 11.75 8.62
N ALA B 456 11.01 12.42 9.56
CA ALA B 456 12.17 11.83 10.22
C ALA B 456 11.77 11.01 11.44
N SER B 457 12.59 9.98 11.72
CA SER B 457 12.32 8.96 12.73
C SER B 457 12.67 9.43 14.13
N CYS B 458 12.13 10.57 14.54
CA CYS B 458 12.79 11.42 15.53
C CYS B 458 12.88 10.81 16.92
N GLU B 459 12.24 9.67 17.18
CA GLU B 459 12.68 8.80 18.26
C GLU B 459 12.74 7.36 17.79
N SER B 460 13.85 6.69 18.11
CA SER B 460 14.10 5.33 17.69
C SER B 460 14.24 4.44 18.92
N ASP B 461 13.66 3.26 18.86
CA ASP B 461 13.99 2.24 19.84
C ASP B 461 15.43 1.82 19.69
N VAL B 462 15.95 1.19 20.75
CA VAL B 462 17.34 0.76 20.82
C VAL B 462 17.41 -0.74 20.58
N LEU B 463 18.23 -1.16 19.63
CA LEU B 463 18.60 -2.57 19.53
C LEU B 463 19.71 -2.90 20.51
N HIS B 464 19.64 -4.10 21.06
CA HIS B 464 20.68 -4.61 21.95
C HIS B 464 21.50 -5.62 21.15
N PHE B 465 22.81 -5.47 21.17
CA PHE B 465 23.68 -6.56 20.75
C PHE B 465 23.69 -7.63 21.82
N THR B 466 23.11 -8.78 21.48
CA THR B 466 23.03 -9.92 22.40
C THR B 466 24.34 -10.70 22.46
N SER B 467 24.96 -10.97 21.32
CA SER B 467 26.17 -11.79 21.27
C SER B 467 27.05 -11.38 20.11
N THR B 468 28.33 -11.73 20.25
CA THR B 468 29.36 -11.31 19.31
C THR B 468 30.38 -12.43 19.18
N THR B 469 31.01 -12.49 18.01
CA THR B 469 32.05 -13.48 17.74
C THR B 469 32.99 -12.90 16.69
N THR B 470 34.24 -13.34 16.75
CA THR B 470 35.28 -12.78 15.90
C THR B 470 36.26 -13.86 15.48
N SER B 471 36.96 -13.61 14.38
CA SER B 471 38.09 -14.41 13.99
C SER B 471 39.21 -13.49 13.52
N LYS B 472 40.30 -14.09 13.05
CA LYS B 472 41.36 -13.31 12.42
C LYS B 472 40.91 -12.66 11.12
N ASN B 473 39.72 -12.97 10.63
CA ASN B 473 39.22 -12.24 9.47
C ASN B 473 37.70 -12.24 9.37
N ARG B 474 36.97 -12.61 10.42
CA ARG B 474 35.52 -12.66 10.36
C ARG B 474 34.93 -12.17 11.67
N ILE B 475 33.70 -11.66 11.58
CA ILE B 475 32.87 -11.38 12.73
C ILE B 475 31.53 -12.06 12.54
N ILE B 476 31.00 -12.61 13.62
CA ILE B 476 29.62 -13.07 13.67
C ILE B 476 28.96 -12.37 14.84
N ILE B 477 27.74 -11.89 14.62
CA ILE B 477 27.10 -10.95 15.53
C ILE B 477 25.60 -11.15 15.47
N THR B 478 24.94 -10.88 16.60
CA THR B 478 23.52 -11.15 16.76
C THR B 478 22.87 -10.03 17.57
N TRP B 479 21.56 -9.88 17.41
CA TRP B 479 20.83 -8.90 18.19
C TRP B 479 19.44 -9.42 18.51
N HIS B 480 18.88 -8.87 19.58
CA HIS B 480 17.58 -9.29 20.08
C HIS B 480 16.48 -9.14 19.04
N ARG B 481 15.47 -10.02 19.13
CA ARG B 481 14.31 -9.96 18.26
C ARG B 481 13.49 -8.69 18.50
N TYR B 482 13.76 -7.63 17.76
CA TYR B 482 12.96 -6.42 17.86
C TYR B 482 11.53 -6.69 17.37
N ARG B 483 10.58 -6.78 18.30
CA ARG B 483 9.18 -6.73 17.93
C ARG B 483 8.74 -5.27 17.81
N PRO B 484 8.54 -4.74 16.61
CA PRO B 484 7.74 -3.53 16.47
C PRO B 484 6.32 -3.77 16.92
N PRO B 485 5.54 -2.71 17.14
CA PRO B 485 4.23 -2.88 17.76
C PRO B 485 3.29 -3.76 16.93
N ASP B 486 3.48 -3.81 15.61
CA ASP B 486 2.65 -4.62 14.73
C ASP B 486 3.58 -5.34 13.75
N TYR B 487 3.84 -6.61 14.01
CA TYR B 487 5.09 -7.22 13.60
C TYR B 487 5.29 -7.19 12.09
N ARG B 488 4.23 -6.95 11.30
CA ARG B 488 4.43 -6.78 9.88
C ARG B 488 5.23 -5.53 9.55
N ASP B 489 5.27 -4.56 10.47
CA ASP B 489 5.83 -3.25 10.14
C ASP B 489 7.31 -3.34 9.79
N LEU B 490 8.03 -4.24 10.43
CA LEU B 490 9.42 -4.49 10.06
C LEU B 490 9.47 -5.24 8.74
N ILE B 491 10.41 -4.84 7.88
CA ILE B 491 10.61 -5.50 6.61
C ILE B 491 12.02 -6.08 6.50
N SER B 492 12.98 -5.45 7.17
CA SER B 492 14.36 -5.94 7.13
C SER B 492 15.18 -5.24 8.19
N PHE B 493 16.42 -5.69 8.35
CA PHE B 493 17.46 -4.96 9.05
C PHE B 493 18.56 -4.57 8.06
N THR B 494 19.14 -3.39 8.27
CA THR B 494 20.37 -2.97 7.63
C THR B 494 21.50 -2.92 8.65
N VAL B 495 22.64 -3.50 8.31
CA VAL B 495 23.85 -3.44 9.12
C VAL B 495 24.91 -2.63 8.39
N TYR B 496 25.47 -1.65 9.08
CA TYR B 496 26.57 -0.86 8.55
C TYR B 496 27.86 -1.23 9.29
N TYR B 497 28.97 -1.28 8.55
CA TYR B 497 30.29 -1.35 9.17
C TYR B 497 31.30 -0.55 8.37
N LYS B 498 32.27 0.03 9.07
CA LYS B 498 33.42 0.63 8.43
C LYS B 498 34.63 0.53 9.34
N GLU B 499 35.81 0.62 8.71
CA GLU B 499 37.07 0.69 9.43
C GLU B 499 37.22 2.01 10.16
N ALA B 500 37.53 1.95 11.46
CA ALA B 500 37.31 3.10 12.35
C ALA B 500 38.32 3.06 13.49
N PRO B 501 39.60 3.21 13.18
CA PRO B 501 40.63 2.94 14.19
C PRO B 501 40.55 3.86 15.41
N PHE B 502 39.83 4.98 15.31
CA PHE B 502 39.56 5.83 16.45
C PHE B 502 38.08 6.04 16.62
N LYS B 503 37.67 6.18 17.88
CA LYS B 503 36.27 6.20 18.29
C LYS B 503 35.52 7.47 17.89
N ASN B 504 36.18 8.48 17.31
CA ASN B 504 35.53 9.75 17.01
C ASN B 504 34.67 9.63 15.75
N VAL B 505 33.65 8.79 15.82
CA VAL B 505 32.90 8.39 14.64
C VAL B 505 31.41 8.55 14.85
N THR B 506 30.70 8.84 13.76
CA THR B 506 29.25 8.92 13.74
C THR B 506 28.72 8.24 12.48
N GLU B 507 27.41 7.98 12.50
CA GLU B 507 26.72 7.45 11.33
C GLU B 507 26.88 8.32 10.10
N TYR B 508 26.82 9.64 10.26
CA TYR B 508 26.74 10.57 9.12
C TYR B 508 28.07 10.83 8.44
N ASP B 509 29.06 9.93 8.59
CA ASP B 509 30.40 10.20 8.10
C ASP B 509 30.51 10.09 6.58
N GLY B 510 29.45 10.41 5.84
CA GLY B 510 29.47 10.26 4.41
C GLY B 510 29.29 8.85 3.89
N GLN B 511 28.43 8.71 2.88
CA GLN B 511 27.95 7.39 2.45
C GLN B 511 27.69 7.38 0.94
N SER B 518 30.95 5.88 2.69
CA SER B 518 32.10 5.28 3.37
C SER B 518 31.66 4.20 4.32
N TRP B 519 30.43 4.30 4.81
CA TRP B 519 29.82 3.18 5.50
C TRP B 519 29.49 2.06 4.52
N ASN B 520 30.09 0.89 4.74
CA ASN B 520 29.68 -0.30 4.01
C ASN B 520 28.30 -0.75 4.50
N MET B 521 27.40 -1.06 3.58
CA MET B 521 26.03 -1.39 3.92
C MET B 521 25.80 -2.88 3.67
N VAL B 522 25.20 -3.54 4.66
CA VAL B 522 24.82 -4.93 4.56
C VAL B 522 23.32 -5.06 4.84
N ASP B 523 22.64 -5.84 4.01
CA ASP B 523 21.20 -6.05 4.12
C ASP B 523 20.97 -7.48 4.60
N VAL B 524 20.21 -7.62 5.68
CA VAL B 524 19.99 -8.93 6.30
C VAL B 524 18.52 -9.03 6.70
N ASP B 525 17.94 -10.22 6.47
CA ASP B 525 16.50 -10.44 6.61
C ASP B 525 16.23 -11.38 7.78
N LEU B 526 15.20 -11.05 8.55
CA LEU B 526 14.80 -11.83 9.71
C LEU B 526 14.55 -13.28 9.31
N PRO B 527 15.24 -14.25 9.91
CA PRO B 527 15.00 -15.64 9.54
C PRO B 527 13.60 -16.06 9.95
N PRO B 528 12.93 -16.87 9.13
CA PRO B 528 11.49 -17.07 9.34
C PRO B 528 11.13 -17.79 10.63
N ASN B 529 12.06 -18.51 11.25
CA ASN B 529 11.82 -19.04 12.58
C ASN B 529 11.73 -17.91 13.59
N LYS B 530 10.54 -17.71 14.15
CA LYS B 530 10.31 -16.68 15.15
C LYS B 530 10.95 -16.99 16.49
N ASP B 531 11.55 -18.18 16.65
CA ASP B 531 12.31 -18.50 17.84
C ASP B 531 13.79 -18.12 17.75
N VAL B 532 14.26 -17.70 16.58
CA VAL B 532 15.67 -17.40 16.36
C VAL B 532 15.84 -15.88 16.41
N GLU B 533 16.70 -15.42 17.32
CA GLU B 533 17.14 -14.03 17.27
C GLU B 533 18.18 -13.85 16.16
N PRO B 534 18.07 -12.80 15.36
CA PRO B 534 18.86 -12.70 14.13
C PRO B 534 20.35 -12.48 14.39
N GLY B 535 21.13 -12.77 13.36
CA GLY B 535 22.56 -12.55 13.39
C GLY B 535 23.12 -12.60 11.99
N ILE B 536 24.41 -12.27 11.88
CA ILE B 536 25.07 -12.19 10.59
C ILE B 536 26.52 -12.62 10.72
N LEU B 537 27.08 -13.07 9.60
CA LEU B 537 28.51 -13.29 9.45
C LEU B 537 29.07 -12.12 8.66
N LEU B 538 30.05 -11.43 9.24
CA LEU B 538 30.86 -10.44 8.54
C LEU B 538 32.27 -10.98 8.34
N HIS B 539 32.73 -10.95 7.09
CA HIS B 539 33.86 -11.77 6.69
C HIS B 539 34.74 -11.02 5.69
N GLY B 540 36.02 -11.38 5.70
CA GLY B 540 37.03 -10.68 4.93
C GLY B 540 37.44 -9.33 5.49
N LEU B 541 37.33 -9.13 6.79
CA LEU B 541 37.76 -7.89 7.41
C LEU B 541 39.26 -7.89 7.66
N LYS B 542 39.81 -6.71 7.86
CA LYS B 542 41.24 -6.61 8.13
C LYS B 542 41.58 -7.27 9.46
N PRO B 543 42.57 -8.15 9.51
CA PRO B 543 43.12 -8.61 10.79
C PRO B 543 43.58 -7.47 11.68
N TRP B 544 43.68 -7.76 12.98
CA TRP B 544 44.50 -6.97 13.89
C TRP B 544 44.08 -5.51 13.86
N THR B 545 42.77 -5.29 13.70
CA THR B 545 42.22 -3.99 13.35
C THR B 545 40.89 -3.79 14.07
N GLN B 546 40.61 -2.53 14.42
CA GLN B 546 39.29 -2.16 14.91
C GLN B 546 38.33 -1.90 13.76
N TYR B 547 37.11 -2.43 13.88
CA TYR B 547 36.00 -2.08 13.02
C TYR B 547 34.84 -1.54 13.85
N ALA B 548 34.10 -0.60 13.26
CA ALA B 548 32.86 -0.08 13.85
C ALA B 548 31.63 -0.64 13.15
N VAL B 549 30.60 -0.92 13.94
CA VAL B 549 29.36 -1.52 13.45
C VAL B 549 28.17 -0.88 14.15
N TYR B 550 27.08 -0.72 13.42
CA TYR B 550 25.80 -0.34 14.01
C TYR B 550 24.68 -0.83 13.10
N VAL B 551 23.46 -0.85 13.66
CA VAL B 551 22.29 -1.40 12.99
C VAL B 551 21.13 -0.44 13.03
N LYS B 552 20.41 -0.35 11.91
CA LYS B 552 19.19 0.43 11.80
C LYS B 552 18.10 -0.51 11.31
N ALA B 553 16.93 -0.46 11.97
CA ALA B 553 15.75 -1.16 11.50
C ALA B 553 15.08 -0.46 10.33
N VAL B 554 14.55 -1.26 9.41
CA VAL B 554 13.78 -0.78 8.27
C VAL B 554 12.30 -1.01 8.54
N THR B 555 11.52 0.06 8.48
CA THR B 555 10.11 0.01 8.86
C THR B 555 9.27 0.85 7.91
N LEU B 556 8.03 0.41 7.73
CA LEU B 556 7.08 1.09 6.86
C LEU B 556 6.61 2.38 7.50
N THR B 557 7.29 3.49 7.23
CA THR B 557 6.95 4.77 7.86
C THR B 557 5.68 5.35 7.21
N MET B 558 4.58 4.65 7.42
CA MET B 558 3.29 5.03 6.87
C MET B 558 2.18 4.71 7.86
N VAL B 559 0.97 5.13 7.51
CA VAL B 559 -0.25 4.88 8.27
C VAL B 559 -0.28 5.63 9.60
N GLU B 560 0.83 5.58 10.35
CA GLU B 560 0.85 6.13 11.70
C GLU B 560 2.03 7.04 11.95
N ASN B 561 2.80 7.39 10.92
CA ASN B 561 3.97 8.26 11.06
C ASN B 561 4.85 7.90 12.25
N ASP B 562 4.96 8.80 13.23
CA ASP B 562 5.86 8.58 14.36
C ASP B 562 5.44 7.41 15.24
N HIS B 563 4.23 6.88 15.09
CA HIS B 563 3.89 5.64 15.76
C HIS B 563 4.42 4.41 15.03
N ILE B 564 4.87 4.58 13.79
CA ILE B 564 5.90 3.71 13.23
C ILE B 564 7.22 4.17 13.83
N ARG B 565 7.88 3.28 14.58
CA ARG B 565 8.81 3.71 15.61
C ARG B 565 10.23 3.92 15.08
N GLY B 566 10.71 3.03 14.23
CA GLY B 566 12.11 3.00 13.86
C GLY B 566 13.00 2.56 15.01
N ALA B 567 14.09 1.86 14.69
CA ALA B 567 14.97 1.31 15.70
C ALA B 567 16.41 1.36 15.24
N LYS B 568 17.31 1.58 16.19
CA LYS B 568 18.72 1.76 15.91
C LYS B 568 19.54 1.17 17.04
N SER B 569 20.64 0.52 16.69
CA SER B 569 21.60 0.11 17.69
C SER B 569 22.36 1.31 18.21
N GLU B 570 23.09 1.11 19.30
CA GLU B 570 24.26 1.94 19.53
C GLU B 570 25.39 1.46 18.62
N ILE B 571 26.42 2.29 18.52
CA ILE B 571 27.62 1.91 17.79
C ILE B 571 28.44 0.94 18.62
N LEU B 572 29.06 -0.04 17.93
CA LEU B 572 29.89 -1.05 18.55
C LEU B 572 31.23 -1.11 17.82
N TYR B 573 32.32 -1.16 18.59
CA TYR B 573 33.65 -1.21 18.02
C TYR B 573 34.28 -2.57 18.30
N ILE B 574 34.81 -3.20 17.26
CA ILE B 574 35.31 -4.56 17.34
C ILE B 574 36.74 -4.59 16.81
N ARG B 575 37.63 -5.27 17.52
CA ARG B 575 38.94 -5.61 16.98
C ARG B 575 38.93 -7.06 16.52
N THR B 576 39.21 -7.27 15.24
CA THR B 576 39.40 -8.61 14.70
C THR B 576 40.68 -9.25 15.24
N ASN B 577 40.67 -10.58 15.31
CA ASN B 577 41.74 -11.33 15.95
C ASN B 577 43.00 -11.29 15.10
N ALA B 578 44.14 -11.50 15.76
CA ALA B 578 45.44 -11.48 15.10
C ALA B 578 45.61 -12.68 14.19
N PRO B 673 24.72 -7.75 -3.49
CA PRO B 673 25.05 -6.32 -3.39
C PRO B 673 23.88 -5.45 -2.97
N LYS B 674 24.17 -4.18 -2.71
CA LYS B 674 23.13 -3.17 -2.67
C LYS B 674 22.36 -3.13 -3.99
N THR B 675 21.08 -2.79 -3.90
CA THR B 675 20.27 -2.55 -5.08
C THR B 675 19.44 -1.28 -4.92
N GLU B 676 19.02 -0.75 -6.07
CA GLU B 676 18.40 0.57 -6.13
C GLU B 676 16.94 0.55 -5.68
N ALA B 677 16.10 -0.25 -6.34
CA ALA B 677 14.65 -0.20 -6.20
C ALA B 677 14.13 -0.86 -4.94
N GLU B 678 14.94 -1.64 -4.24
CA GLU B 678 14.43 -2.40 -3.11
C GLU B 678 13.80 -1.50 -2.05
N LYS B 679 14.08 -0.20 -2.11
CA LYS B 679 13.27 0.77 -1.37
C LYS B 679 11.78 0.54 -1.54
N GLN B 680 11.33 0.36 -2.77
CA GLN B 680 9.95 -0.02 -3.07
C GLN B 680 9.74 -1.51 -3.31
N ALA B 681 10.61 -2.13 -4.10
CA ALA B 681 10.34 -3.47 -4.59
C ALA B 681 10.23 -4.50 -3.48
N GLU B 682 10.83 -4.25 -2.32
CA GLU B 682 10.48 -5.03 -1.14
C GLU B 682 9.30 -4.43 -0.41
N LYS B 683 9.32 -3.11 -0.20
CA LYS B 683 8.26 -2.45 0.55
C LYS B 683 6.89 -2.82 0.00
N GLU B 684 6.77 -2.74 -1.33
CA GLU B 684 5.59 -3.19 -2.05
C GLU B 684 4.99 -4.49 -1.50
N GLU B 685 5.84 -5.47 -1.23
CA GLU B 685 5.41 -6.81 -0.87
C GLU B 685 5.07 -6.97 0.60
N ALA B 686 4.99 -5.88 1.33
CA ALA B 686 4.40 -5.82 2.65
C ALA B 686 3.43 -4.65 2.74
N GLU B 687 3.80 -3.51 2.18
CA GLU B 687 2.89 -2.41 1.89
C GLU B 687 1.54 -2.93 1.38
N TYR B 688 1.56 -3.70 0.30
CA TYR B 688 0.35 -4.21 -0.35
C TYR B 688 0.09 -5.67 -0.01
N ARG B 689 0.31 -6.03 1.25
CA ARG B 689 -0.07 -7.34 1.75
C ARG B 689 -0.63 -7.25 3.16
N LYS B 690 0.00 -6.40 3.97
CA LYS B 690 -0.52 -6.04 5.28
C LYS B 690 -1.95 -5.50 5.22
N VAL B 691 -2.23 -4.63 4.27
CA VAL B 691 -3.56 -4.02 4.21
C VAL B 691 -4.60 -5.01 3.72
N PHE B 692 -4.24 -5.86 2.77
CA PHE B 692 -5.18 -6.89 2.34
C PHE B 692 -5.48 -7.88 3.46
N GLU B 693 -4.48 -8.26 4.25
CA GLU B 693 -4.74 -9.06 5.43
C GLU B 693 -5.66 -8.35 6.42
N ASN B 694 -5.41 -7.07 6.69
CA ASN B 694 -6.28 -6.34 7.62
C ASN B 694 -7.71 -6.26 7.12
N PHE B 695 -7.90 -6.19 5.81
CA PHE B 695 -9.23 -6.21 5.24
C PHE B 695 -9.87 -7.56 5.41
N LEU B 696 -9.15 -8.60 5.03
CA LEU B 696 -9.68 -9.95 5.11
C LEU B 696 -10.08 -10.31 6.53
N HIS B 697 -9.26 -9.93 7.52
CA HIS B 697 -9.64 -10.18 8.91
C HIS B 697 -10.82 -9.33 9.37
N ASN B 698 -10.91 -8.07 8.92
CA ASN B 698 -12.10 -7.30 9.25
C ASN B 698 -13.37 -7.90 8.66
N SER B 699 -13.25 -8.51 7.47
CA SER B 699 -14.43 -9.00 6.77
C SER B 699 -14.86 -10.41 7.18
N ILE B 700 -13.90 -11.31 7.37
CA ILE B 700 -14.22 -12.71 7.61
C ILE B 700 -14.77 -12.95 9.01
N PHE B 701 -14.23 -12.30 10.03
CA PHE B 701 -14.77 -12.51 11.36
C PHE B 701 -15.92 -11.55 11.61
N VAL B 702 -16.96 -12.06 12.27
CA VAL B 702 -18.05 -11.22 12.75
C VAL B 702 -18.47 -11.72 14.12
N PRO B 703 -18.61 -10.85 15.12
CA PRO B 703 -18.94 -11.34 16.46
C PRO B 703 -20.39 -11.76 16.58
N ARG B 704 -20.63 -12.71 17.49
CA ARG B 704 -21.97 -13.07 17.87
C ARG B 704 -22.58 -11.90 18.62
N PRO B 705 -23.91 -11.92 18.84
CA PRO B 705 -24.65 -10.76 19.34
C PRO B 705 -23.99 -10.05 20.51
N SER C 5 -0.54 -8.60 26.52
CA SER C 5 -0.28 -8.22 25.10
C SER C 5 -1.02 -6.94 24.76
N GLU C 6 -0.27 -5.92 24.32
CA GLU C 6 -0.92 -4.67 23.95
C GLU C 6 -1.69 -4.83 22.65
N THR C 7 -1.05 -5.39 21.63
CA THR C 7 -1.68 -5.47 20.32
C THR C 7 -1.27 -6.75 19.60
N LEU C 8 -2.15 -7.19 18.71
CA LEU C 8 -1.99 -8.42 17.95
C LEU C 8 -2.67 -8.18 16.60
N CYS C 9 -2.11 -8.73 15.54
CA CYS C 9 -2.49 -8.25 14.22
C CYS C 9 -2.43 -9.29 13.12
N GLY C 10 -1.36 -10.08 13.08
CA GLY C 10 -1.15 -10.90 11.90
C GLY C 10 -1.57 -12.34 12.05
N GLY C 11 -0.70 -13.24 11.60
CA GLY C 11 -0.90 -14.65 11.84
C GLY C 11 -1.19 -14.99 13.28
N GLU C 12 -0.48 -14.33 14.20
CA GLU C 12 -0.70 -14.56 15.62
C GLU C 12 -2.07 -14.10 16.09
N LEU C 13 -2.78 -13.28 15.33
CA LEU C 13 -4.17 -13.00 15.65
C LEU C 13 -5.08 -14.17 15.31
N VAL C 14 -4.90 -14.77 14.13
CA VAL C 14 -5.75 -15.91 13.79
C VAL C 14 -5.36 -17.12 14.62
N ASP C 15 -4.10 -17.21 15.04
CA ASP C 15 -3.71 -18.27 15.95
C ASP C 15 -4.32 -18.09 17.34
N THR C 16 -4.18 -16.91 17.94
CA THR C 16 -4.79 -16.71 19.25
C THR C 16 -6.30 -16.85 19.20
N LEU C 17 -6.92 -16.48 18.08
CA LEU C 17 -8.35 -16.70 17.93
C LEU C 17 -8.70 -18.18 17.84
N GLN C 18 -7.96 -18.95 17.06
CA GLN C 18 -8.23 -20.38 17.04
C GLN C 18 -8.00 -21.01 18.40
N PHE C 19 -7.03 -20.49 19.14
CA PHE C 19 -6.76 -21.01 20.48
C PHE C 19 -7.92 -20.73 21.42
N VAL C 20 -8.43 -19.50 21.43
CA VAL C 20 -9.50 -19.18 22.36
C VAL C 20 -10.81 -19.85 21.94
N CYS C 21 -11.16 -19.77 20.65
CA CYS C 21 -12.37 -20.43 20.19
C CYS C 21 -12.23 -21.95 20.19
N GLY C 22 -11.01 -22.44 20.10
CA GLY C 22 -10.75 -23.87 20.15
C GLY C 22 -11.50 -24.65 19.09
N ASP C 23 -12.32 -25.60 19.54
CA ASP C 23 -13.11 -26.44 18.67
C ASP C 23 -14.60 -26.08 18.66
N ARG C 24 -14.98 -24.97 19.28
CA ARG C 24 -16.36 -24.51 19.16
C ARG C 24 -16.67 -23.92 17.80
N GLY C 25 -15.64 -23.45 17.09
CA GLY C 25 -15.80 -22.84 15.79
C GLY C 25 -16.30 -21.40 15.85
N PHE C 26 -16.00 -20.70 14.76
CA PHE C 26 -16.34 -19.30 14.57
C PHE C 26 -17.80 -19.08 14.18
N TYR C 27 -18.35 -17.98 14.67
CA TYR C 27 -19.66 -17.51 14.24
C TYR C 27 -19.56 -16.78 12.91
N PHE C 28 -20.56 -16.94 12.06
CA PHE C 28 -20.71 -16.05 10.92
C PHE C 28 -22.17 -15.94 10.53
N SER C 29 -22.55 -14.74 10.11
CA SER C 29 -23.87 -14.45 9.57
C SER C 29 -23.75 -13.38 8.51
N ARG C 30 -24.72 -13.36 7.58
CA ARG C 30 -24.59 -12.50 6.43
C ARG C 30 -24.54 -11.04 6.88
N PRO C 31 -23.84 -10.17 6.16
CA PRO C 31 -23.86 -8.74 6.51
C PRO C 31 -25.24 -8.12 6.49
N ALA C 32 -26.24 -8.88 6.06
CA ALA C 32 -27.63 -8.42 6.10
C ALA C 32 -27.77 -7.04 5.49
N ARG C 37 -25.64 -5.15 8.55
CA ARG C 37 -24.76 -5.42 9.69
C ARG C 37 -23.66 -4.37 9.77
N ARG C 38 -23.03 -4.27 10.94
CA ARG C 38 -22.20 -3.10 11.25
C ARG C 38 -20.85 -3.17 10.57
N SER C 39 -20.36 -1.99 10.17
CA SER C 39 -19.12 -1.79 9.43
C SER C 39 -17.91 -1.55 10.33
N ARG C 40 -17.77 -2.26 11.45
CA ARG C 40 -16.67 -2.05 12.39
C ARG C 40 -15.72 -3.24 12.42
N GLY C 41 -14.45 -2.96 12.16
CA GLY C 41 -13.46 -4.00 11.95
C GLY C 41 -12.81 -4.44 13.26
N ILE C 42 -12.72 -5.75 13.43
CA ILE C 42 -11.98 -6.33 14.56
C ILE C 42 -10.55 -5.83 14.61
N VAL C 43 -9.94 -5.56 13.47
CA VAL C 43 -8.55 -5.11 13.47
C VAL C 43 -8.43 -3.73 14.09
N GLU C 44 -9.34 -2.81 13.77
CA GLU C 44 -9.34 -1.55 14.49
C GLU C 44 -9.60 -1.76 15.97
N GLU C 45 -10.36 -2.78 16.31
CA GLU C 45 -10.66 -3.13 17.70
C GLU C 45 -9.50 -3.81 18.44
N CYS C 46 -8.48 -4.33 17.76
CA CYS C 46 -7.48 -5.14 18.45
C CYS C 46 -6.05 -5.09 17.92
N CYS C 47 -5.76 -4.31 16.88
CA CYS C 47 -4.41 -4.10 16.38
C CYS C 47 -3.99 -2.65 16.50
N PHE C 48 -4.87 -1.73 16.12
CA PHE C 48 -4.57 -0.31 16.26
C PHE C 48 -4.82 0.12 17.69
N ARG C 49 -6.05 -0.06 18.17
CA ARG C 49 -6.35 0.13 19.57
C ARG C 49 -5.72 -0.98 20.41
N SER C 50 -5.59 -0.70 21.71
CA SER C 50 -5.23 -1.74 22.66
C SER C 50 -6.30 -2.82 22.70
N CYS C 51 -5.88 -4.08 22.55
CA CYS C 51 -6.78 -5.21 22.45
C CYS C 51 -7.12 -5.76 23.83
N ASP C 52 -8.21 -6.52 23.89
CA ASP C 52 -8.64 -7.20 25.12
C ASP C 52 -8.71 -8.69 24.83
N LEU C 53 -7.83 -9.44 25.48
CA LEU C 53 -7.71 -10.88 25.29
C LEU C 53 -8.87 -11.68 25.87
N ALA C 54 -9.75 -11.05 26.66
CA ALA C 54 -10.96 -11.69 27.14
C ALA C 54 -12.17 -11.46 26.26
N LEU C 55 -12.06 -10.55 25.30
CA LEU C 55 -13.16 -10.31 24.36
C LEU C 55 -13.27 -11.41 23.31
N LEU C 56 -12.15 -11.97 22.88
CA LEU C 56 -12.11 -12.80 21.68
C LEU C 56 -12.80 -14.15 21.83
N GLU C 57 -13.42 -14.46 22.97
CA GLU C 57 -14.45 -15.49 22.95
C GLU C 57 -15.76 -15.00 22.34
N THR C 58 -15.98 -13.68 22.33
CA THR C 58 -17.21 -13.13 21.76
C THR C 58 -17.37 -13.38 20.27
N TYR C 59 -16.32 -13.82 19.58
CA TYR C 59 -16.42 -14.19 18.18
C TYR C 59 -16.77 -15.65 17.98
N CYS C 60 -16.73 -16.45 19.03
CA CYS C 60 -16.91 -17.88 18.90
C CYS C 60 -18.39 -18.21 19.11
N ALA C 61 -18.82 -19.32 18.51
CA ALA C 61 -20.17 -19.80 18.72
C ALA C 61 -20.44 -20.10 20.18
N THR C 62 -21.72 -20.00 20.55
CA THR C 62 -22.16 -20.22 21.92
C THR C 62 -23.63 -20.60 21.93
#